data_3EE5
#
_entry.id   3EE5
#
_cell.length_a   107.127
_cell.length_b   195.742
_cell.length_c   143.801
_cell.angle_alpha   90.00
_cell.angle_beta   90.00
_cell.angle_gamma   90.00
#
_symmetry.space_group_name_H-M   'C 2 2 21'
#
loop_
_entity.id
_entity.type
_entity.pdbx_description
1 polymer 'Beta-1,4-galactosyltransferase 1'
2 branched 2-acetamido-2-deoxy-beta-D-glucopyranose-(1-3)-beta-D-galactopyranose
3 non-polymer "6-AMINOHEXYL-URIDINE-C1,5'-DIPHOSPHATE"
4 non-polymer naphthalen-2-ylmethanol
5 non-polymer 'SULFATE ION'
6 non-polymer 'MANGANESE (II) ION'
7 non-polymer GLYCEROL
8 non-polymer '1,4-DIETHYLENE DIOXIDE'
9 non-polymer '2-(N-MORPHOLINO)-ETHANESULFONIC ACID'
10 water water
#
_entity_poly.entity_id   1
_entity_poly.type   'polypeptide(L)'
_entity_poly.pdbx_seq_one_letter_code
;ASMTGGQQMGRGSASLPACPEESPLLVGPMLIEFNMPVDLELVAKQNPNVKMGGRYAPRDCVSPHKVAIIIPFRNRQEHL
KYWLYYLHPVLQRQQLDYGIYVINQAGDTIFNRAKLLNVGFQEALKDYDYTCFVFSDVDLIPMNDHNAYRCFSQPRHISV
AMDKFGFSLPYVQYFGGVSALSKQQFLTINGFPNNYWGWGGEDDDIFNRLVFRGMSISRPNAVVGTTRHIRHSRDKKNEP
NPQRFDRIAHTKETMLSDGLNSLTYQVLDVQRYPLYTQITVDIGTPS
;
_entity_poly.pdbx_strand_id   A,B,C
#
# COMPACT_ATOMS: atom_id res chain seq x y z
N SER A 15 -29.22 15.94 6.20
CA SER A 15 -29.48 14.49 6.52
C SER A 15 -28.18 13.68 6.62
N LEU A 16 -27.12 14.11 5.91
CA LEU A 16 -25.83 13.41 5.95
C LEU A 16 -25.29 13.21 7.35
N PRO A 17 -24.81 12.01 7.65
CA PRO A 17 -24.28 11.83 9.01
C PRO A 17 -22.87 12.40 9.02
N ALA A 18 -22.30 12.52 10.20
CA ALA A 18 -20.94 13.02 10.35
C ALA A 18 -19.96 11.96 9.85
N CYS A 19 -18.88 12.41 9.23
CA CYS A 19 -17.85 11.50 8.77
C CYS A 19 -17.27 10.83 10.00
N PRO A 20 -16.67 9.66 9.85
CA PRO A 20 -16.12 9.09 11.09
C PRO A 20 -14.90 9.92 11.55
N GLU A 21 -14.63 9.86 12.84
CA GLU A 21 -13.51 10.58 13.45
C GLU A 21 -12.18 10.43 12.70
N GLU A 22 -11.86 9.20 12.30
CA GLU A 22 -10.66 9.00 11.50
C GLU A 22 -11.15 8.40 10.21
N SER A 23 -10.61 8.87 9.11
CA SER A 23 -11.03 8.37 7.81
C SER A 23 -10.69 6.90 7.57
N PRO A 24 -11.67 6.10 7.07
CA PRO A 24 -11.37 4.69 6.83
C PRO A 24 -10.74 4.47 5.44
N LEU A 25 -10.58 5.55 4.70
CA LEU A 25 -10.02 5.51 3.35
C LEU A 25 -8.48 5.54 3.28
N LEU A 26 -7.84 5.90 4.40
CA LEU A 26 -6.38 6.05 4.42
C LEU A 26 -5.62 4.76 4.09
N VAL A 27 -4.52 4.89 3.33
CA VAL A 27 -3.72 3.74 2.99
C VAL A 27 -2.33 3.77 3.60
N GLY A 28 -2.01 4.79 4.39
CA GLY A 28 -0.71 4.90 5.01
C GLY A 28 0.45 5.41 4.15
N PRO A 29 1.64 4.78 4.24
CA PRO A 29 2.87 5.11 3.52
C PRO A 29 2.62 5.10 2.02
N MET A 30 3.16 6.10 1.33
CA MET A 30 2.97 6.22 -0.11
C MET A 30 4.35 6.48 -0.70
N LEU A 31 4.50 6.26 -1.99
CA LEU A 31 5.76 6.49 -2.66
C LEU A 31 5.68 7.87 -3.33
N ILE A 32 6.66 8.72 -3.05
CA ILE A 32 6.67 10.07 -3.59
C ILE A 32 7.85 10.26 -4.49
N GLU A 33 7.64 10.75 -5.71
CA GLU A 33 8.78 10.98 -6.58
C GLU A 33 8.59 12.31 -7.31
N PHE A 34 9.69 13.00 -7.57
CA PHE A 34 9.62 14.29 -8.24
C PHE A 34 10.47 14.32 -9.53
N ASN A 35 10.60 13.18 -10.20
CA ASN A 35 11.41 13.14 -11.40
C ASN A 35 10.63 13.04 -12.71
N MET A 36 9.31 13.13 -12.64
CA MET A 36 8.47 13.03 -13.83
C MET A 36 7.63 14.30 -14.09
N PRO A 37 7.22 14.53 -15.35
CA PRO A 37 6.42 15.73 -15.64
C PRO A 37 5.00 15.59 -15.11
N VAL A 38 4.35 16.72 -14.88
CA VAL A 38 2.99 16.75 -14.36
C VAL A 38 2.11 17.59 -15.25
N ASP A 39 0.92 17.09 -15.54
CA ASP A 39 -0.01 17.81 -16.40
C ASP A 39 -1.24 18.10 -15.57
N LEU A 40 -1.44 19.36 -15.18
CA LEU A 40 -2.59 19.67 -14.31
C LEU A 40 -3.95 19.41 -14.94
N GLU A 41 -4.02 19.39 -16.28
CA GLU A 41 -5.28 19.07 -16.94
C GLU A 41 -5.61 17.63 -16.61
N LEU A 42 -4.59 16.79 -16.66
CA LEU A 42 -4.75 15.39 -16.35
C LEU A 42 -5.02 15.19 -14.85
N VAL A 43 -4.30 15.93 -13.98
CA VAL A 43 -4.53 15.79 -12.55
C VAL A 43 -5.99 16.15 -12.26
N ALA A 44 -6.50 17.16 -12.95
CA ALA A 44 -7.89 17.54 -12.75
C ALA A 44 -8.80 16.39 -13.18
N LYS A 45 -8.45 15.71 -14.27
CA LYS A 45 -9.26 14.57 -14.74
C LYS A 45 -9.19 13.45 -13.71
N GLN A 46 -8.01 13.26 -13.12
CA GLN A 46 -7.81 12.24 -12.08
C GLN A 46 -8.54 12.59 -10.77
N ASN A 47 -8.85 13.88 -10.60
CA ASN A 47 -9.53 14.34 -9.39
C ASN A 47 -10.86 15.02 -9.70
N PRO A 48 -11.74 14.29 -10.40
CA PRO A 48 -13.07 14.79 -10.81
C PRO A 48 -13.97 15.38 -9.74
N ASN A 49 -13.77 15.03 -8.49
CA ASN A 49 -14.65 15.61 -7.47
C ASN A 49 -14.14 16.93 -6.89
N VAL A 50 -13.00 17.40 -7.36
CA VAL A 50 -12.46 18.65 -6.88
C VAL A 50 -13.09 19.72 -7.74
N LYS A 51 -13.81 20.65 -7.11
CA LYS A 51 -14.50 21.70 -7.84
C LYS A 51 -13.70 22.95 -8.10
N MET A 52 -14.23 23.77 -9.01
CA MET A 52 -13.54 24.98 -9.43
C MET A 52 -12.98 25.76 -8.23
N GLY A 53 -11.70 26.09 -8.32
CA GLY A 53 -11.02 26.81 -7.26
C GLY A 53 -10.28 25.89 -6.29
N GLY A 54 -10.32 24.59 -6.58
CA GLY A 54 -9.67 23.60 -5.73
C GLY A 54 -10.41 23.35 -4.44
N ARG A 55 -11.74 23.16 -4.52
CA ARG A 55 -12.60 22.94 -3.36
C ARG A 55 -13.17 21.55 -3.39
N TYR A 56 -13.34 20.95 -2.22
CA TYR A 56 -13.87 19.61 -2.13
C TYR A 56 -14.45 19.37 -0.76
N ALA A 57 -15.55 18.64 -0.72
CA ALA A 57 -16.18 18.23 0.54
C ALA A 57 -16.69 16.82 0.21
N PRO A 58 -16.62 15.89 1.17
CA PRO A 58 -17.11 14.56 0.80
C PRO A 58 -18.62 14.57 0.52
N ARG A 59 -19.10 13.68 -0.33
CA ARG A 59 -20.51 13.66 -0.61
C ARG A 59 -21.33 12.75 0.29
N ASP A 60 -20.67 11.85 1.01
CA ASP A 60 -21.37 10.88 1.85
C ASP A 60 -21.49 11.15 3.34
N CYS A 61 -20.76 12.16 3.83
CA CYS A 61 -20.82 12.50 5.25
C CYS A 61 -20.35 13.94 5.39
N VAL A 62 -20.63 14.53 6.55
CA VAL A 62 -20.26 15.91 6.82
C VAL A 62 -18.95 16.00 7.63
N SER A 63 -17.92 16.59 7.04
CA SER A 63 -16.65 16.74 7.73
C SER A 63 -16.69 17.87 8.74
N PRO A 64 -16.12 17.67 9.93
CA PRO A 64 -16.14 18.77 10.90
C PRO A 64 -14.92 19.64 10.59
N HIS A 65 -14.11 19.20 9.63
CA HIS A 65 -12.90 19.93 9.26
C HIS A 65 -13.06 20.83 8.03
N LYS A 66 -13.27 22.12 8.26
CA LYS A 66 -13.42 23.12 7.21
C LYS A 66 -12.06 23.78 7.15
N VAL A 67 -11.27 23.28 6.22
CA VAL A 67 -9.89 23.67 6.05
C VAL A 67 -9.50 24.50 4.86
N ALA A 68 -8.80 25.62 5.09
CA ALA A 68 -8.28 26.42 3.99
C ALA A 68 -6.79 26.10 4.04
N ILE A 69 -6.25 25.66 2.91
CA ILE A 69 -4.84 25.33 2.84
C ILE A 69 -4.16 26.50 2.13
N ILE A 70 -3.22 27.11 2.83
CA ILE A 70 -2.55 28.32 2.40
C ILE A 70 -1.12 28.10 2.00
N ILE A 71 -0.80 28.48 0.77
CA ILE A 71 0.56 28.28 0.27
C ILE A 71 1.23 29.63 -0.08
N PRO A 72 2.35 29.96 0.59
CA PRO A 72 3.04 31.24 0.27
C PRO A 72 3.68 30.96 -1.07
N PHE A 73 3.57 31.89 -2.01
CA PHE A 73 4.08 31.60 -3.34
C PHE A 73 4.65 32.70 -4.24
N ARG A 74 5.63 32.33 -5.05
CA ARG A 74 6.19 33.19 -6.10
C ARG A 74 7.20 32.38 -6.93
N ASN A 75 6.94 32.28 -8.23
CA ASN A 75 7.83 31.55 -9.14
C ASN A 75 8.15 30.10 -8.72
N ARG A 76 7.13 29.33 -8.35
CA ARG A 76 7.31 27.93 -7.97
C ARG A 76 6.19 27.12 -8.58
N GLN A 77 5.90 27.41 -9.85
CA GLN A 77 4.83 26.73 -10.55
C GLN A 77 5.10 25.22 -10.65
N GLU A 78 6.36 24.86 -10.90
CA GLU A 78 6.69 23.46 -11.02
C GLU A 78 6.50 22.72 -9.69
N HIS A 79 6.96 23.31 -8.60
CA HIS A 79 6.78 22.66 -7.30
C HIS A 79 5.28 22.53 -7.05
N LEU A 80 4.57 23.60 -7.35
CA LEU A 80 3.12 23.62 -7.14
C LEU A 80 2.41 22.49 -7.87
N LYS A 81 2.87 22.21 -9.08
CA LYS A 81 2.27 21.14 -9.83
C LYS A 81 2.45 19.83 -9.07
N TYR A 82 3.65 19.60 -8.53
CA TYR A 82 3.87 18.38 -7.76
C TYR A 82 2.99 18.36 -6.53
N TRP A 83 2.89 19.51 -5.88
CA TRP A 83 2.11 19.66 -4.65
C TRP A 83 0.66 19.29 -4.91
N LEU A 84 0.11 19.78 -6.00
CA LEU A 84 -1.29 19.50 -6.33
C LEU A 84 -1.53 18.05 -6.72
N TYR A 85 -0.57 17.48 -7.44
CA TYR A 85 -0.66 16.10 -7.87
C TYR A 85 -0.70 15.14 -6.67
N TYR A 86 0.14 15.40 -5.68
CA TYR A 86 0.14 14.52 -4.51
C TYR A 86 -0.88 14.88 -3.43
N LEU A 87 -1.06 16.16 -3.09
CA LEU A 87 -1.98 16.47 -1.99
C LEU A 87 -3.47 16.28 -2.24
N HIS A 88 -3.92 16.58 -3.46
CA HIS A 88 -5.35 16.48 -3.70
C HIS A 88 -5.98 15.13 -3.38
N PRO A 89 -5.32 14.01 -3.80
CA PRO A 89 -5.89 12.68 -3.50
C PRO A 89 -5.84 12.42 -1.98
N VAL A 90 -4.79 12.91 -1.33
CA VAL A 90 -4.62 12.72 0.11
C VAL A 90 -5.65 13.50 0.91
N LEU A 91 -5.97 14.71 0.46
CA LEU A 91 -6.93 15.53 1.19
C LEU A 91 -8.35 14.97 1.04
N GLN A 92 -8.67 14.39 -0.12
CA GLN A 92 -9.98 13.80 -0.29
C GLN A 92 -10.06 12.52 0.55
N ARG A 93 -8.98 11.75 0.62
CA ARG A 93 -9.02 10.53 1.46
C ARG A 93 -9.17 10.90 2.93
N GLN A 94 -8.62 12.05 3.32
CA GLN A 94 -8.74 12.51 4.71
C GLN A 94 -10.13 13.05 5.00
N GLN A 95 -10.98 13.02 3.98
CA GLN A 95 -12.39 13.43 4.13
C GLN A 95 -12.61 14.82 4.70
N LEU A 96 -11.81 15.76 4.21
CA LEU A 96 -11.84 17.14 4.64
C LEU A 96 -12.77 17.99 3.78
N ASP A 97 -13.30 19.06 4.38
CA ASP A 97 -14.14 20.00 3.64
C ASP A 97 -13.09 21.09 3.39
N TYR A 98 -12.36 21.03 2.28
CA TYR A 98 -11.26 21.94 2.05
C TYR A 98 -11.22 22.79 0.79
N GLY A 99 -10.30 23.74 0.77
CA GLY A 99 -10.07 24.61 -0.38
C GLY A 99 -8.58 24.97 -0.43
N ILE A 100 -8.00 25.08 -1.62
CA ILE A 100 -6.58 25.41 -1.78
C ILE A 100 -6.40 26.89 -2.19
N TYR A 101 -5.50 27.61 -1.53
CA TYR A 101 -5.20 29.01 -1.81
C TYR A 101 -3.70 29.23 -1.97
N VAL A 102 -3.28 29.67 -3.15
CA VAL A 102 -1.88 29.97 -3.42
C VAL A 102 -1.84 31.49 -3.36
N ILE A 103 -1.02 32.02 -2.45
CA ILE A 103 -0.96 33.45 -2.28
C ILE A 103 0.30 33.85 -2.99
N ASN A 104 0.09 34.38 -4.18
CA ASN A 104 1.17 34.78 -5.05
C ASN A 104 1.64 36.21 -4.81
N GLN A 105 2.90 36.39 -4.43
CA GLN A 105 3.42 37.72 -4.17
C GLN A 105 3.72 38.50 -5.47
N ALA A 106 2.98 39.57 -5.71
CA ALA A 106 3.20 40.40 -6.90
C ALA A 106 4.55 41.11 -6.81
N GLY A 107 5.09 41.50 -7.97
CA GLY A 107 6.36 42.22 -7.99
C GLY A 107 7.62 41.40 -7.82
N ASP A 108 8.76 42.06 -7.78
CA ASP A 108 10.04 41.36 -7.65
C ASP A 108 10.89 41.82 -6.50
N THR A 109 10.28 42.32 -5.43
CA THR A 109 11.09 42.72 -4.31
C THR A 109 11.17 41.61 -3.26
N ILE A 110 11.96 41.84 -2.22
CA ILE A 110 12.19 40.85 -1.17
C ILE A 110 10.91 40.11 -0.71
N PHE A 111 10.99 38.78 -0.71
CA PHE A 111 9.90 37.88 -0.34
C PHE A 111 9.48 38.01 1.13
N ASN A 112 8.19 37.86 1.39
CA ASN A 112 7.69 37.93 2.78
C ASN A 112 6.71 36.78 3.02
N ARG A 113 7.26 35.63 3.37
CA ARG A 113 6.45 34.43 3.60
C ARG A 113 5.26 34.58 4.57
N ALA A 114 5.54 35.04 5.80
CA ALA A 114 4.47 35.18 6.79
C ALA A 114 3.40 36.22 6.48
N LYS A 115 3.76 37.30 5.80
CA LYS A 115 2.70 38.27 5.49
C LYS A 115 1.74 37.65 4.47
N LEU A 116 2.27 36.85 3.53
CA LEU A 116 1.43 36.18 2.52
C LEU A 116 0.45 35.23 3.21
N LEU A 117 0.96 34.51 4.21
CA LEU A 117 0.15 33.61 4.99
C LEU A 117 -1.01 34.40 5.65
N ASN A 118 -0.72 35.57 6.22
CA ASN A 118 -1.78 36.39 6.82
C ASN A 118 -2.83 36.79 5.79
N VAL A 119 -2.35 37.13 4.59
CA VAL A 119 -3.27 37.51 3.50
C VAL A 119 -4.19 36.32 3.21
N GLY A 120 -3.56 35.14 3.12
CA GLY A 120 -4.30 33.91 2.86
C GLY A 120 -5.41 33.65 3.84
N PHE A 121 -5.13 33.86 5.13
CA PHE A 121 -6.12 33.66 6.18
C PHE A 121 -7.30 34.58 5.98
N GLN A 122 -6.99 35.87 5.81
CA GLN A 122 -8.03 36.89 5.63
C GLN A 122 -8.85 36.70 4.37
N GLU A 123 -8.18 36.46 3.25
CA GLU A 123 -8.92 36.29 2.02
C GLU A 123 -9.75 34.99 1.97
N ALA A 124 -9.23 33.88 2.45
CA ALA A 124 -10.02 32.65 2.37
C ALA A 124 -11.30 32.73 3.20
N LEU A 125 -11.26 33.50 4.29
CA LEU A 125 -12.43 33.66 5.14
C LEU A 125 -13.56 34.35 4.39
N LYS A 126 -13.21 35.08 3.33
CA LYS A 126 -14.23 35.76 2.53
C LYS A 126 -14.99 34.77 1.64
N ASP A 127 -14.38 33.64 1.33
CA ASP A 127 -15.02 32.62 0.49
C ASP A 127 -15.97 31.72 1.23
N TYR A 128 -15.56 31.30 2.42
CA TYR A 128 -16.31 30.31 3.15
C TYR A 128 -16.00 30.37 4.66
N ASP A 129 -16.86 29.75 5.45
CA ASP A 129 -16.68 29.72 6.90
C ASP A 129 -15.60 28.71 7.33
N TYR A 130 -14.35 28.91 6.91
CA TYR A 130 -13.29 28.00 7.31
C TYR A 130 -13.01 28.17 8.81
N THR A 131 -12.70 27.06 9.49
CA THR A 131 -12.42 27.16 10.92
C THR A 131 -11.08 26.53 11.21
N CYS A 132 -10.35 26.19 10.15
CA CYS A 132 -9.03 25.58 10.30
C CYS A 132 -8.15 26.05 9.15
N PHE A 133 -6.88 26.29 9.45
CA PHE A 133 -5.96 26.75 8.43
C PHE A 133 -4.66 25.98 8.41
N VAL A 134 -4.35 25.39 7.27
CA VAL A 134 -3.11 24.66 7.12
C VAL A 134 -2.18 25.59 6.33
N PHE A 135 -1.00 25.86 6.88
CA PHE A 135 -0.01 26.70 6.19
C PHE A 135 1.09 25.75 5.74
N SER A 136 1.25 25.63 4.42
CA SER A 136 2.19 24.74 3.80
C SER A 136 3.15 25.35 2.77
N ASP A 137 4.45 25.12 2.94
CA ASP A 137 5.39 25.58 1.93
C ASP A 137 5.01 24.74 0.69
N VAL A 138 5.30 25.25 -0.49
CA VAL A 138 4.92 24.62 -1.74
C VAL A 138 5.69 23.36 -2.14
N ASP A 139 6.83 23.15 -1.49
CA ASP A 139 7.70 22.04 -1.83
C ASP A 139 7.73 20.92 -0.82
N LEU A 140 6.72 20.81 0.04
CA LEU A 140 6.72 19.76 1.05
C LEU A 140 5.54 18.84 0.81
N ILE A 141 5.83 17.55 0.63
CA ILE A 141 4.82 16.54 0.35
C ILE A 141 4.81 15.47 1.43
N PRO A 142 3.64 15.20 2.01
CA PRO A 142 3.58 14.19 3.06
C PRO A 142 3.72 12.76 2.51
N MET A 143 4.46 11.90 3.22
CA MET A 143 4.66 10.52 2.78
C MET A 143 3.67 9.52 3.36
N ASN A 144 2.81 9.96 4.27
CA ASN A 144 1.87 9.05 4.88
C ASN A 144 0.55 9.77 5.05
N ASP A 145 -0.54 9.26 4.46
CA ASP A 145 -1.81 9.98 4.58
C ASP A 145 -2.45 9.94 5.94
N HIS A 146 -1.77 9.34 6.91
CA HIS A 146 -2.30 9.33 8.25
C HIS A 146 -1.90 10.64 8.95
N ASN A 147 -1.02 11.42 8.31
CA ASN A 147 -0.58 12.72 8.84
C ASN A 147 -1.72 13.71 8.48
N ALA A 148 -2.61 13.96 9.43
CA ALA A 148 -3.80 14.80 9.24
C ALA A 148 -3.53 16.26 8.93
N TYR A 149 -4.11 16.73 7.83
CA TYR A 149 -3.97 18.11 7.39
C TYR A 149 -5.17 18.88 7.84
N ARG A 150 -5.38 18.89 9.15
CA ARG A 150 -6.49 19.60 9.76
C ARG A 150 -6.06 19.99 11.16
N CYS A 151 -6.95 20.66 11.87
CA CYS A 151 -6.64 21.19 13.18
C CYS A 151 -6.94 20.31 14.39
N PHE A 152 -6.21 20.55 15.48
CA PHE A 152 -6.36 19.84 16.74
C PHE A 152 -6.66 20.82 17.87
N SER A 153 -6.81 20.35 19.10
CA SER A 153 -7.11 21.27 20.20
C SER A 153 -5.90 22.18 20.50
N GLN A 154 -4.72 21.85 19.97
CA GLN A 154 -3.53 22.66 20.14
C GLN A 154 -2.94 22.84 18.73
N PRO A 155 -2.13 23.89 18.50
CA PRO A 155 -1.51 24.16 17.20
C PRO A 155 -0.83 22.88 16.78
N ARG A 156 -0.91 22.57 15.47
CA ARG A 156 -0.37 21.33 14.93
C ARG A 156 0.81 21.52 14.00
N HIS A 157 1.92 20.87 14.32
CA HIS A 157 3.08 20.91 13.45
C HIS A 157 2.98 19.60 12.68
N ILE A 158 2.89 19.72 11.36
CA ILE A 158 2.67 18.59 10.47
C ILE A 158 3.88 17.96 9.83
N SER A 159 4.80 18.78 9.30
CA SER A 159 5.99 18.27 8.62
C SER A 159 7.07 18.06 9.67
N VAL A 160 6.86 17.07 10.52
CA VAL A 160 7.79 16.83 11.61
C VAL A 160 9.03 16.03 11.31
N ALA A 161 9.02 15.24 10.23
CA ALA A 161 10.17 14.38 9.92
C ALA A 161 10.54 14.47 8.43
N MET A 162 11.18 15.57 8.09
CA MET A 162 11.55 15.87 6.72
C MET A 162 12.85 15.22 6.27
N ASP A 163 12.84 14.71 5.04
CA ASP A 163 14.03 14.06 4.53
C ASP A 163 15.25 14.98 4.59
N LYS A 164 15.07 16.26 4.28
CA LYS A 164 16.22 17.17 4.35
C LYS A 164 16.78 17.39 5.76
N PHE A 165 16.06 16.98 6.80
CA PHE A 165 16.59 17.12 8.17
C PHE A 165 16.84 15.71 8.74
N GLY A 166 17.07 14.74 7.85
CA GLY A 166 17.31 13.39 8.32
C GLY A 166 16.12 12.68 8.93
N PHE A 167 14.93 13.02 8.46
CA PHE A 167 13.74 12.38 9.00
C PHE A 167 13.57 12.58 10.50
N SER A 168 13.86 13.79 10.98
CA SER A 168 13.66 14.13 12.39
C SER A 168 13.56 15.66 12.46
N LEU A 169 13.14 16.20 13.60
CA LEU A 169 13.04 17.66 13.72
C LEU A 169 14.47 18.24 13.74
N PRO A 170 14.70 19.39 13.08
CA PRO A 170 16.06 19.96 13.12
C PRO A 170 16.39 20.44 14.54
N TYR A 171 15.37 20.86 15.29
CA TYR A 171 15.51 21.27 16.70
C TYR A 171 14.09 21.06 17.25
N VAL A 172 13.93 20.86 18.56
CA VAL A 172 12.60 20.53 19.07
C VAL A 172 11.55 21.61 19.04
N GLN A 173 11.97 22.86 18.92
CA GLN A 173 10.99 23.94 18.81
C GLN A 173 10.73 24.35 17.34
N TYR A 174 11.29 23.60 16.40
CA TYR A 174 11.08 23.88 14.97
C TYR A 174 9.58 23.75 14.65
N PHE A 175 9.01 24.77 14.03
CA PHE A 175 7.60 24.78 13.70
C PHE A 175 7.39 25.19 12.23
N GLY A 176 8.44 25.10 11.42
CA GLY A 176 8.29 25.48 10.02
C GLY A 176 7.85 24.36 9.10
N GLY A 177 7.65 24.71 7.82
CA GLY A 177 7.27 23.74 6.83
C GLY A 177 5.78 23.71 6.60
N VAL A 178 5.11 22.87 7.38
CA VAL A 178 3.68 22.70 7.29
C VAL A 178 3.11 22.68 8.68
N SER A 179 2.08 23.49 8.93
CA SER A 179 1.45 23.51 10.23
C SER A 179 -0.05 23.80 10.07
N ALA A 180 -0.80 23.58 11.14
CA ALA A 180 -2.25 23.83 11.12
C ALA A 180 -2.66 24.52 12.40
N LEU A 181 -3.41 25.60 12.24
CA LEU A 181 -3.92 26.38 13.35
C LEU A 181 -5.42 26.57 13.16
N SER A 182 -6.19 26.35 14.21
CA SER A 182 -7.62 26.58 14.10
C SER A 182 -7.78 28.12 13.97
N LYS A 183 -8.96 28.55 13.57
CA LYS A 183 -9.23 29.95 13.42
C LYS A 183 -8.96 30.65 14.75
N GLN A 184 -9.42 30.03 15.83
CA GLN A 184 -9.25 30.62 17.16
C GLN A 184 -7.79 30.71 17.61
N GLN A 185 -7.01 29.68 17.35
CA GLN A 185 -5.60 29.70 17.71
C GLN A 185 -4.93 30.85 16.92
N PHE A 186 -5.22 30.92 15.62
CA PHE A 186 -4.62 31.96 14.79
C PHE A 186 -5.01 33.35 15.31
N LEU A 187 -6.27 33.52 15.67
CA LEU A 187 -6.69 34.83 16.12
C LEU A 187 -6.07 35.15 17.46
N THR A 188 -5.90 34.12 18.29
CA THR A 188 -5.34 34.34 19.61
C THR A 188 -3.93 34.88 19.58
N ILE A 189 -3.14 34.53 18.57
CA ILE A 189 -1.78 35.07 18.54
C ILE A 189 -1.66 36.31 17.64
N ASN A 190 -2.80 36.90 17.26
CA ASN A 190 -2.80 38.08 16.38
C ASN A 190 -2.16 37.63 15.06
N GLY A 191 -2.38 36.38 14.69
CA GLY A 191 -1.82 35.89 13.44
C GLY A 191 -0.31 35.90 13.38
N PHE A 192 0.23 35.99 12.17
CA PHE A 192 1.67 35.96 12.01
C PHE A 192 2.31 37.35 11.88
N PRO A 193 3.62 37.44 12.11
CA PRO A 193 4.31 38.73 12.01
C PRO A 193 4.40 39.16 10.55
N ASN A 194 4.30 40.46 10.31
CA ASN A 194 4.36 41.01 8.95
C ASN A 194 5.75 41.52 8.58
N ASN A 195 6.66 41.65 9.53
CA ASN A 195 7.96 42.19 9.21
C ASN A 195 9.17 41.26 9.12
N TYR A 196 8.94 40.00 8.74
CA TYR A 196 10.07 39.10 8.54
C TYR A 196 10.21 39.05 7.02
N TRP A 197 11.10 39.91 6.49
CA TRP A 197 11.36 40.04 5.06
C TRP A 197 12.58 39.22 4.75
N GLY A 198 12.52 38.38 3.71
CA GLY A 198 13.69 37.56 3.44
C GLY A 198 13.61 36.28 4.30
N TRP A 199 14.52 35.36 4.04
CA TRP A 199 14.50 34.08 4.72
C TRP A 199 14.81 34.02 6.18
N GLY A 200 14.06 33.14 6.85
CA GLY A 200 14.29 32.83 8.26
C GLY A 200 13.64 33.50 9.42
N GLY A 201 13.44 32.68 10.45
CA GLY A 201 12.90 33.14 11.72
C GLY A 201 11.42 33.37 11.91
N GLU A 202 10.68 33.70 10.84
CA GLU A 202 9.26 33.98 11.02
C GLU A 202 8.55 32.78 11.60
N ASP A 203 9.01 31.56 11.30
CA ASP A 203 8.35 30.37 11.87
C ASP A 203 8.68 30.21 13.36
N ASP A 204 9.86 30.67 13.76
CA ASP A 204 10.25 30.61 15.16
C ASP A 204 9.46 31.66 15.93
N ASP A 205 9.22 32.80 15.27
CA ASP A 205 8.45 33.86 15.89
C ASP A 205 7.05 33.33 16.21
N ILE A 206 6.50 32.59 15.23
CA ILE A 206 5.16 32.03 15.36
C ILE A 206 5.12 31.01 16.49
N PHE A 207 6.19 30.20 16.61
CA PHE A 207 6.29 29.23 17.70
C PHE A 207 6.18 30.02 19.02
N ASN A 208 7.02 31.06 19.17
CA ASN A 208 7.02 31.93 20.36
C ASN A 208 5.64 32.47 20.67
N ARG A 209 4.92 32.93 19.64
CA ARG A 209 3.58 33.46 19.82
C ARG A 209 2.66 32.43 20.45
N LEU A 210 2.72 31.21 19.97
CA LEU A 210 1.88 30.17 20.52
C LEU A 210 2.24 29.92 21.99
N VAL A 211 3.53 29.86 22.29
CA VAL A 211 3.93 29.61 23.65
C VAL A 211 3.51 30.75 24.56
N PHE A 212 3.68 31.99 24.08
CA PHE A 212 3.31 33.14 24.89
C PHE A 212 1.81 33.26 25.07
N ARG A 213 1.03 32.45 24.34
CA ARG A 213 -0.40 32.49 24.57
C ARG A 213 -0.87 31.19 25.25
N GLY A 214 0.02 30.49 25.95
CA GLY A 214 -0.37 29.29 26.68
C GLY A 214 -0.63 28.00 25.90
N MET A 215 -0.10 27.90 24.69
CA MET A 215 -0.33 26.69 23.92
C MET A 215 0.92 25.86 23.80
N SER A 216 0.80 24.65 23.29
CA SER A 216 1.97 23.81 23.08
C SER A 216 1.72 23.11 21.73
N ILE A 217 2.77 22.63 21.10
CA ILE A 217 2.72 22.03 19.81
C ILE A 217 2.35 20.55 19.79
N SER A 218 1.31 20.22 19.03
CA SER A 218 0.84 18.85 18.84
C SER A 218 1.54 18.34 17.54
N ARG A 219 1.97 17.09 17.56
CA ARG A 219 2.65 16.51 16.41
C ARG A 219 2.34 15.03 16.23
N PRO A 220 2.34 14.56 14.98
CA PRO A 220 2.08 13.12 14.82
C PRO A 220 3.46 12.50 15.13
N ASN A 221 3.57 11.17 15.22
CA ASN A 221 4.88 10.57 15.45
C ASN A 221 5.75 10.72 14.20
N ALA A 222 7.06 10.47 14.35
CA ALA A 222 8.03 10.63 13.26
C ALA A 222 7.86 9.75 12.03
N VAL A 223 7.12 8.65 12.16
CA VAL A 223 6.95 7.80 11.00
C VAL A 223 5.80 8.37 10.19
N VAL A 224 4.67 8.59 10.84
CA VAL A 224 3.54 9.17 10.14
C VAL A 224 3.87 10.58 9.62
N GLY A 225 4.72 11.30 10.35
CA GLY A 225 5.06 12.67 9.98
C GLY A 225 6.12 12.81 8.91
N THR A 226 6.58 11.68 8.36
CA THR A 226 7.58 11.69 7.31
C THR A 226 7.13 12.55 6.12
N THR A 227 8.03 13.41 5.66
CA THR A 227 7.74 14.37 4.61
C THR A 227 8.88 14.56 3.63
N ARG A 228 8.54 14.75 2.37
CA ARG A 228 9.58 14.97 1.38
C ARG A 228 9.64 16.42 0.98
N HIS A 229 10.87 16.92 0.86
CA HIS A 229 11.10 18.29 0.43
C HIS A 229 11.67 18.29 -1.00
N ILE A 230 10.99 18.86 -1.97
CA ILE A 230 11.56 18.91 -3.31
C ILE A 230 12.87 19.71 -3.28
N ARG A 231 14.00 19.04 -3.53
CA ARG A 231 15.32 19.68 -3.53
C ARG A 231 15.28 20.79 -4.54
N HIS A 232 15.72 21.99 -4.15
CA HIS A 232 15.72 23.15 -5.03
C HIS A 232 16.87 24.07 -4.65
N SER A 233 17.20 25.01 -5.52
CA SER A 233 18.30 25.93 -5.23
C SER A 233 17.75 27.21 -4.63
N ARG A 234 18.63 28.14 -4.29
CA ARG A 234 18.16 29.38 -3.69
C ARG A 234 17.40 30.28 -4.65
N ASP A 235 16.28 30.82 -4.18
CA ASP A 235 15.50 31.74 -4.98
C ASP A 235 16.12 33.08 -4.73
N LYS A 236 16.10 33.95 -5.74
CA LYS A 236 16.62 35.30 -5.62
C LYS A 236 15.50 36.05 -4.87
N LYS A 237 15.86 37.13 -4.16
CA LYS A 237 14.92 37.96 -3.41
C LYS A 237 14.33 37.38 -2.12
N ASN A 238 15.01 36.41 -1.54
CA ASN A 238 14.60 35.83 -0.28
C ASN A 238 15.85 35.44 0.47
N GLU A 239 16.77 36.39 0.56
CA GLU A 239 18.06 36.23 1.23
C GLU A 239 17.88 36.19 2.74
N PRO A 240 18.72 35.38 3.42
CA PRO A 240 18.63 35.28 4.89
C PRO A 240 18.53 36.68 5.50
N ASN A 241 17.50 36.90 6.30
CA ASN A 241 17.27 38.19 6.97
C ASN A 241 18.20 38.31 8.18
N PRO A 242 19.16 39.25 8.13
CA PRO A 242 20.12 39.46 9.22
C PRO A 242 19.51 39.89 10.54
N GLN A 243 18.34 40.51 10.49
CA GLN A 243 17.69 40.94 11.72
C GLN A 243 16.82 39.86 12.37
N ARG A 244 16.82 38.65 11.81
CA ARG A 244 15.96 37.59 12.34
C ARG A 244 16.18 37.16 13.78
N PHE A 245 17.44 37.05 14.20
CA PHE A 245 17.72 36.64 15.57
C PHE A 245 17.30 37.70 16.57
N ASP A 246 17.42 38.96 16.19
CA ASP A 246 16.98 39.99 17.12
C ASP A 246 15.45 40.05 17.14
N ARG A 247 14.82 39.77 15.99
CA ARG A 247 13.38 39.84 15.98
C ARG A 247 12.70 38.75 16.77
N ILE A 248 13.24 37.53 16.75
CA ILE A 248 12.61 36.46 17.50
C ILE A 248 12.80 36.62 19.00
N ALA A 249 13.76 37.45 19.40
CA ALA A 249 14.01 37.68 20.82
C ALA A 249 13.01 38.64 21.43
N HIS A 250 12.20 39.32 20.62
CA HIS A 250 11.22 40.27 21.19
C HIS A 250 9.78 39.97 20.81
N THR A 251 9.53 38.75 20.38
CA THR A 251 8.17 38.37 19.96
C THR A 251 7.07 38.69 20.95
N LYS A 252 7.30 38.41 22.22
CA LYS A 252 6.26 38.66 23.20
C LYS A 252 5.77 40.08 23.15
N GLU A 253 6.68 41.02 23.02
CA GLU A 253 6.28 42.41 22.95
C GLU A 253 5.72 42.78 21.57
N THR A 254 6.40 42.41 20.49
CA THR A 254 5.94 42.81 19.18
C THR A 254 4.65 42.18 18.66
N MET A 255 4.32 40.97 19.10
CA MET A 255 3.11 40.31 18.61
C MET A 255 1.86 41.06 19.02
N LEU A 256 1.97 41.86 20.08
CA LEU A 256 0.83 42.64 20.55
C LEU A 256 0.33 43.63 19.49
N SER A 257 1.23 44.17 18.68
CA SER A 257 0.79 45.13 17.70
C SER A 257 1.25 44.88 16.27
N ASP A 258 1.85 43.72 16.03
CA ASP A 258 2.26 43.37 14.67
C ASP A 258 1.65 42.03 14.27
N GLY A 259 0.73 42.06 13.29
CA GLY A 259 0.09 40.87 12.80
C GLY A 259 -1.22 41.21 12.12
N LEU A 260 -2.28 40.48 12.42
CA LEU A 260 -3.56 40.77 11.81
C LEU A 260 -3.96 42.20 12.07
N ASN A 261 -3.73 42.64 13.30
CA ASN A 261 -4.12 43.97 13.67
C ASN A 261 -3.25 45.12 13.16
N SER A 262 -2.31 44.83 12.28
CA SER A 262 -1.50 45.91 11.70
C SER A 262 -1.29 45.59 10.22
N LEU A 263 -2.19 44.77 9.68
CA LEU A 263 -2.06 44.31 8.29
C LEU A 263 -2.85 45.07 7.20
N THR A 264 -2.17 45.33 6.08
CA THR A 264 -2.84 45.88 4.90
C THR A 264 -2.11 45.25 3.73
N TYR A 265 -2.80 45.18 2.59
CA TYR A 265 -2.25 44.62 1.37
C TYR A 265 -3.26 44.97 0.28
N GLN A 266 -2.85 44.86 -0.97
CA GLN A 266 -3.76 45.17 -2.04
C GLN A 266 -3.83 43.95 -2.96
N VAL A 267 -5.00 43.33 -3.04
CA VAL A 267 -5.15 42.19 -3.92
C VAL A 267 -5.25 42.72 -5.35
N LEU A 268 -4.37 42.22 -6.23
CA LEU A 268 -4.35 42.61 -7.64
C LEU A 268 -5.19 41.70 -8.52
N ASP A 269 -5.27 40.42 -8.17
CA ASP A 269 -6.03 39.47 -8.99
C ASP A 269 -6.40 38.18 -8.25
N VAL A 270 -7.58 37.65 -8.55
CA VAL A 270 -8.03 36.39 -7.98
C VAL A 270 -8.37 35.45 -9.15
N GLN A 271 -7.64 34.35 -9.27
CA GLN A 271 -7.82 33.35 -10.34
C GLN A 271 -8.40 32.05 -9.81
N ARG A 272 -9.56 31.65 -10.30
CA ARG A 272 -10.12 30.39 -9.87
C ARG A 272 -9.69 29.35 -10.92
N TYR A 273 -8.72 28.50 -10.57
CA TYR A 273 -8.29 27.45 -11.46
C TYR A 273 -9.03 26.19 -11.01
N PRO A 274 -8.99 25.14 -11.83
CA PRO A 274 -9.68 23.90 -11.43
C PRO A 274 -9.17 23.33 -10.09
N LEU A 275 -7.85 23.41 -9.87
CA LEU A 275 -7.29 22.79 -8.67
C LEU A 275 -6.90 23.72 -7.50
N TYR A 276 -7.06 25.02 -7.70
CA TYR A 276 -6.71 25.99 -6.67
C TYR A 276 -7.13 27.39 -7.06
N THR A 277 -7.23 28.23 -6.04
CA THR A 277 -7.55 29.62 -6.21
C THR A 277 -6.18 30.31 -6.04
N GLN A 278 -5.82 31.19 -6.97
CA GLN A 278 -4.56 31.94 -6.82
C GLN A 278 -4.89 33.42 -6.61
N ILE A 279 -4.42 33.96 -5.49
CA ILE A 279 -4.64 35.35 -5.17
C ILE A 279 -3.29 36.04 -5.37
N THR A 280 -3.22 36.97 -6.31
CA THR A 280 -1.98 37.70 -6.54
C THR A 280 -2.16 38.96 -5.73
N VAL A 281 -1.18 39.27 -4.91
CA VAL A 281 -1.31 40.39 -4.00
C VAL A 281 -0.05 41.22 -3.83
N ASP A 282 -0.27 42.52 -3.64
CA ASP A 282 0.84 43.46 -3.44
C ASP A 282 0.92 43.59 -1.93
N ILE A 283 2.02 43.11 -1.35
CA ILE A 283 2.18 43.23 0.11
C ILE A 283 3.24 44.26 0.44
N GLY A 284 3.68 44.97 -0.59
CA GLY A 284 4.65 46.02 -0.36
C GLY A 284 6.07 45.67 -0.04
N THR A 285 6.74 46.65 0.56
CA THR A 285 8.14 46.55 0.94
C THR A 285 8.29 47.04 2.36
N PRO A 286 9.46 46.80 3.00
CA PRO A 286 9.67 47.24 4.38
C PRO A 286 9.33 48.69 4.71
N SER A 287 8.72 48.90 5.87
CA SER A 287 8.38 50.23 6.32
C SER A 287 9.14 50.52 7.62
N SER B 15 27.79 16.32 11.58
CA SER B 15 27.19 16.68 10.25
C SER B 15 25.94 15.84 9.92
N LEU B 16 26.03 15.02 8.87
CA LEU B 16 24.91 14.16 8.45
C LEU B 16 24.54 13.26 9.62
N PRO B 17 23.25 13.21 9.98
CA PRO B 17 22.81 12.37 11.10
C PRO B 17 22.70 10.88 10.78
N ALA B 18 22.55 10.06 11.81
CA ALA B 18 22.40 8.63 11.62
C ALA B 18 20.95 8.43 11.18
N CYS B 19 20.69 7.41 10.36
CA CYS B 19 19.34 7.15 9.93
C CYS B 19 18.55 6.61 11.10
N PRO B 20 17.22 6.74 11.04
CA PRO B 20 16.53 6.19 12.20
C PRO B 20 16.74 4.68 12.25
N GLU B 21 16.70 4.09 13.45
CA GLU B 21 16.90 2.67 13.62
C GLU B 21 16.12 1.81 12.65
N GLU B 22 14.82 2.08 12.49
CA GLU B 22 14.06 1.34 11.50
C GLU B 22 13.65 2.38 10.46
N SER B 23 13.70 2.02 9.19
CA SER B 23 13.35 2.97 8.18
C SER B 23 11.91 3.43 8.25
N PRO B 24 11.67 4.75 8.09
CA PRO B 24 10.32 5.30 8.14
C PRO B 24 9.66 5.25 6.77
N LEU B 25 10.40 4.81 5.76
CA LEU B 25 9.90 4.76 4.39
C LEU B 25 9.16 3.51 3.97
N LEU B 26 9.23 2.46 4.78
CA LEU B 26 8.61 1.15 4.48
C LEU B 26 7.11 1.14 4.24
N VAL B 27 6.70 0.35 3.24
CA VAL B 27 5.30 0.22 2.90
C VAL B 27 4.73 -1.12 3.26
N GLY B 28 5.58 -2.06 3.70
CA GLY B 28 5.12 -3.39 4.09
C GLY B 28 4.85 -4.32 2.91
N PRO B 29 3.71 -5.01 2.89
CA PRO B 29 3.25 -5.95 1.85
C PRO B 29 3.26 -5.36 0.45
N MET B 30 3.89 -6.03 -0.50
CA MET B 30 3.94 -5.54 -1.87
C MET B 30 3.38 -6.59 -2.82
N LEU B 31 3.07 -6.15 -4.04
CA LEU B 31 2.54 -7.03 -5.06
C LEU B 31 3.75 -7.48 -5.90
N ILE B 32 3.92 -8.79 -6.04
CA ILE B 32 5.07 -9.33 -6.77
C ILE B 32 4.64 -10.21 -7.94
N GLU B 33 5.18 -9.95 -9.14
CA GLU B 33 4.82 -10.75 -10.30
C GLU B 33 5.92 -10.96 -11.33
N PHE B 34 5.95 -12.15 -11.93
CA PHE B 34 6.97 -12.46 -12.93
C PHE B 34 6.43 -12.81 -14.33
N ASN B 35 5.36 -12.14 -14.75
CA ASN B 35 4.78 -12.41 -16.06
C ASN B 35 4.98 -11.30 -17.10
N MET B 36 5.67 -10.23 -16.72
CA MET B 36 5.90 -9.14 -17.66
C MET B 36 7.37 -9.03 -18.01
N PRO B 37 7.67 -8.34 -19.12
CA PRO B 37 9.07 -8.20 -19.50
C PRO B 37 9.72 -7.13 -18.63
N VAL B 38 11.04 -7.21 -18.47
CA VAL B 38 11.76 -6.24 -17.66
C VAL B 38 12.87 -5.68 -18.50
N ASP B 39 13.04 -4.38 -18.46
CA ASP B 39 14.06 -3.69 -19.23
C ASP B 39 14.97 -3.00 -18.21
N LEU B 40 16.18 -3.51 -18.04
CA LEU B 40 17.10 -2.93 -17.06
C LEU B 40 17.44 -1.45 -17.28
N GLU B 41 17.34 -0.95 -18.50
CA GLU B 41 17.61 0.47 -18.75
C GLU B 41 16.47 1.22 -18.09
N LEU B 42 15.27 0.66 -18.17
CA LEU B 42 14.13 1.29 -17.53
C LEU B 42 14.26 1.20 -16.00
N VAL B 43 14.72 0.04 -15.49
CA VAL B 43 14.86 -0.12 -14.06
C VAL B 43 15.85 0.90 -13.54
N ALA B 44 16.93 1.13 -14.30
CA ALA B 44 17.92 2.11 -13.83
C ALA B 44 17.27 3.50 -13.79
N LYS B 45 16.45 3.83 -14.78
CA LYS B 45 15.83 5.15 -14.76
C LYS B 45 14.87 5.32 -13.61
N GLN B 46 14.31 4.22 -13.12
CA GLN B 46 13.39 4.30 -12.01
C GLN B 46 14.15 4.29 -10.67
N ASN B 47 15.46 4.07 -10.73
CA ASN B 47 16.32 4.04 -9.55
C ASN B 47 17.53 4.91 -9.86
N PRO B 48 17.27 6.20 -10.15
CA PRO B 48 18.30 7.17 -10.49
C PRO B 48 19.39 7.31 -9.45
N ASN B 49 19.08 7.09 -8.18
CA ASN B 49 20.09 7.25 -7.12
C ASN B 49 21.05 6.08 -6.99
N VAL B 50 20.78 4.99 -7.69
CA VAL B 50 21.67 3.83 -7.66
C VAL B 50 22.83 4.12 -8.60
N LYS B 51 24.04 4.02 -8.08
CA LYS B 51 25.24 4.30 -8.83
C LYS B 51 25.89 3.10 -9.48
N MET B 52 26.79 3.38 -10.41
CA MET B 52 27.48 2.36 -11.19
C MET B 52 27.93 1.24 -10.29
N GLY B 53 27.72 0.02 -10.77
CA GLY B 53 28.09 -1.16 -9.99
C GLY B 53 26.95 -1.57 -9.06
N GLY B 54 25.82 -0.88 -9.13
CA GLY B 54 24.67 -1.15 -8.28
C GLY B 54 24.93 -0.77 -6.82
N ARG B 55 25.46 0.43 -6.60
CA ARG B 55 25.80 0.90 -5.28
C ARG B 55 24.88 2.02 -4.86
N TYR B 56 24.55 2.03 -3.58
CA TYR B 56 23.67 3.05 -3.06
C TYR B 56 23.86 3.28 -1.58
N ALA B 57 23.61 4.52 -1.13
CA ALA B 57 23.66 4.84 0.31
C ALA B 57 22.76 6.07 0.45
N PRO B 58 21.96 6.15 1.53
CA PRO B 58 21.10 7.33 1.64
C PRO B 58 21.81 8.68 1.62
N ARG B 59 21.17 9.62 0.95
CA ARG B 59 21.68 10.96 0.81
C ARG B 59 21.45 11.80 2.07
N ASP B 60 20.34 11.58 2.78
CA ASP B 60 20.03 12.39 3.96
C ASP B 60 20.45 11.92 5.35
N CYS B 61 20.96 10.69 5.46
CA CYS B 61 21.37 10.18 6.76
C CYS B 61 22.35 9.07 6.55
N VAL B 62 23.08 8.74 7.61
CA VAL B 62 24.11 7.73 7.56
C VAL B 62 23.61 6.40 8.07
N SER B 63 23.82 5.36 7.27
CA SER B 63 23.40 4.02 7.64
C SER B 63 24.47 3.19 8.34
N PRO B 64 24.08 2.44 9.38
CA PRO B 64 25.08 1.61 10.07
C PRO B 64 25.17 0.28 9.31
N HIS B 65 24.25 0.07 8.35
CA HIS B 65 24.27 -1.18 7.57
C HIS B 65 25.07 -1.05 6.26
N LYS B 66 26.26 -1.64 6.25
CA LYS B 66 27.15 -1.64 5.09
C LYS B 66 27.08 -3.07 4.59
N VAL B 67 26.20 -3.22 3.60
CA VAL B 67 25.84 -4.51 3.07
C VAL B 67 26.24 -4.90 1.68
N ALA B 68 26.87 -6.05 1.53
CA ALA B 68 27.18 -6.54 0.17
C ALA B 68 26.19 -7.68 -0.07
N ILE B 69 25.43 -7.58 -1.15
CA ILE B 69 24.47 -8.62 -1.49
C ILE B 69 25.08 -9.46 -2.59
N ILE B 70 25.32 -10.72 -2.26
CA ILE B 70 25.98 -11.69 -3.10
C ILE B 70 24.98 -12.68 -3.70
N ILE B 71 24.99 -12.79 -5.03
CA ILE B 71 24.07 -13.69 -5.72
C ILE B 71 24.85 -14.74 -6.49
N PRO B 72 24.63 -16.03 -6.20
CA PRO B 72 25.36 -17.09 -6.94
C PRO B 72 24.71 -17.16 -8.30
N PHE B 73 25.50 -17.32 -9.35
CA PHE B 73 24.89 -17.19 -10.67
C PHE B 73 25.54 -17.88 -11.85
N ARG B 74 24.68 -18.33 -12.76
CA ARG B 74 25.05 -18.84 -14.08
C ARG B 74 23.79 -19.05 -14.91
N ASN B 75 23.75 -18.37 -16.06
CA ASN B 75 22.64 -18.52 -16.98
C ASN B 75 21.22 -18.25 -16.41
N ARG B 76 21.10 -17.18 -15.64
CA ARG B 76 19.82 -16.81 -15.04
C ARG B 76 19.55 -15.32 -15.30
N GLN B 77 19.85 -14.84 -16.49
CA GLN B 77 19.67 -13.41 -16.76
C GLN B 77 18.25 -12.95 -16.58
N GLU B 78 17.28 -13.74 -17.01
CA GLU B 78 15.88 -13.35 -16.86
C GLU B 78 15.48 -13.23 -15.39
N HIS B 79 15.96 -14.13 -14.56
CA HIS B 79 15.64 -14.05 -13.14
C HIS B 79 16.29 -12.83 -12.53
N LEU B 80 17.56 -12.61 -12.84
CA LEU B 80 18.26 -11.49 -12.28
C LEU B 80 17.57 -10.17 -12.62
N LYS B 81 16.95 -10.08 -13.80
CA LYS B 81 16.31 -8.82 -14.15
C LYS B 81 15.10 -8.60 -13.22
N TYR B 82 14.41 -9.67 -12.87
CA TYR B 82 13.28 -9.54 -11.93
C TYR B 82 13.83 -9.20 -10.57
N TRP B 83 14.95 -9.84 -10.19
CA TRP B 83 15.55 -9.59 -8.89
C TRP B 83 15.93 -8.10 -8.74
N LEU B 84 16.62 -7.57 -9.74
CA LEU B 84 17.03 -6.17 -9.68
C LEU B 84 15.81 -5.21 -9.65
N TYR B 85 14.82 -5.47 -10.50
CA TYR B 85 13.59 -4.67 -10.56
C TYR B 85 12.88 -4.58 -9.20
N TYR B 86 12.77 -5.70 -8.50
CA TYR B 86 12.13 -5.68 -7.22
C TYR B 86 13.01 -5.26 -6.03
N LEU B 87 14.24 -5.74 -5.95
CA LEU B 87 15.08 -5.43 -4.79
C LEU B 87 15.67 -4.03 -4.70
N HIS B 88 16.04 -3.44 -5.80
CA HIS B 88 16.62 -2.12 -5.67
C HIS B 88 15.71 -1.13 -4.94
N PRO B 89 14.40 -1.05 -5.30
CA PRO B 89 13.55 -0.08 -4.58
C PRO B 89 13.46 -0.42 -3.09
N VAL B 90 13.40 -1.70 -2.80
CA VAL B 90 13.30 -2.18 -1.43
C VAL B 90 14.56 -1.85 -0.61
N LEU B 91 15.72 -2.18 -1.18
CA LEU B 91 16.95 -1.93 -0.44
C LEU B 91 17.10 -0.43 -0.18
N GLN B 92 16.69 0.42 -1.13
CA GLN B 92 16.79 1.86 -0.87
C GLN B 92 15.79 2.26 0.20
N ARG B 93 14.59 1.69 0.19
CA ARG B 93 13.62 2.07 1.22
C ARG B 93 14.12 1.64 2.59
N GLN B 94 14.95 0.60 2.65
CA GLN B 94 15.49 0.14 3.92
C GLN B 94 16.69 0.99 4.38
N GLN B 95 17.03 2.01 3.60
CA GLN B 95 18.11 2.94 3.97
C GLN B 95 19.45 2.28 4.27
N LEU B 96 19.84 1.36 3.39
CA LEU B 96 21.07 0.62 3.49
C LEU B 96 22.16 1.25 2.59
N ASP B 97 23.41 1.03 2.99
CA ASP B 97 24.58 1.47 2.27
C ASP B 97 24.97 0.11 1.68
N TYR B 98 24.52 -0.14 0.45
CA TYR B 98 24.75 -1.45 -0.15
C TYR B 98 25.34 -1.49 -1.57
N GLY B 99 25.75 -2.72 -1.93
CA GLY B 99 26.28 -3.02 -3.24
C GLY B 99 25.79 -4.40 -3.66
N ILE B 100 25.50 -4.55 -4.96
CA ILE B 100 25.02 -5.80 -5.52
C ILE B 100 26.13 -6.50 -6.26
N TYR B 101 26.35 -7.78 -5.93
CA TYR B 101 27.37 -8.58 -6.56
C TYR B 101 26.89 -9.90 -7.09
N VAL B 102 26.98 -10.04 -8.42
CA VAL B 102 26.58 -11.25 -9.12
C VAL B 102 27.87 -12.04 -9.39
N ILE B 103 27.98 -13.22 -8.77
CA ILE B 103 29.15 -14.08 -8.92
C ILE B 103 28.72 -15.10 -9.95
N ASN B 104 29.18 -14.86 -11.17
CA ASN B 104 28.88 -15.67 -12.35
C ASN B 104 29.92 -16.80 -12.52
N GLN B 105 29.42 -18.03 -12.49
CA GLN B 105 30.30 -19.18 -12.66
C GLN B 105 30.68 -19.39 -14.10
N ALA B 106 31.99 -19.34 -14.39
CA ALA B 106 32.46 -19.53 -15.76
C ALA B 106 32.48 -21.00 -16.12
N GLY B 107 32.38 -21.29 -17.42
CA GLY B 107 32.42 -22.66 -17.88
C GLY B 107 31.10 -23.39 -17.85
N ASP B 108 31.16 -24.65 -18.24
CA ASP B 108 29.99 -25.51 -18.34
C ASP B 108 30.03 -26.78 -17.46
N THR B 109 30.88 -26.80 -16.45
CA THR B 109 30.92 -27.95 -15.58
C THR B 109 29.98 -27.72 -14.37
N ILE B 110 29.86 -28.71 -13.51
CA ILE B 110 28.95 -28.66 -12.38
C ILE B 110 29.03 -27.40 -11.48
N PHE B 111 27.85 -26.84 -11.20
CA PHE B 111 27.64 -25.64 -10.38
C PHE B 111 28.08 -25.86 -8.94
N ASN B 112 28.62 -24.82 -8.34
CA ASN B 112 29.04 -24.91 -6.95
C ASN B 112 28.59 -23.61 -6.29
N ARG B 113 27.35 -23.62 -5.83
CA ARG B 113 26.74 -22.46 -5.18
C ARG B 113 27.51 -21.83 -4.02
N ALA B 114 27.85 -22.64 -3.03
CA ALA B 114 28.55 -22.14 -1.84
C ALA B 114 29.92 -21.53 -2.15
N LYS B 115 30.67 -22.16 -3.04
CA LYS B 115 31.97 -21.62 -3.40
C LYS B 115 31.78 -20.24 -4.07
N LEU B 116 30.75 -20.10 -4.91
CA LEU B 116 30.55 -18.79 -5.54
C LEU B 116 30.24 -17.73 -4.45
N LEU B 117 29.50 -18.14 -3.40
CA LEU B 117 29.22 -17.19 -2.34
C LEU B 117 30.53 -16.76 -1.65
N ASN B 118 31.47 -17.69 -1.47
CA ASN B 118 32.77 -17.39 -0.82
C ASN B 118 33.54 -16.33 -1.65
N VAL B 119 33.51 -16.50 -2.96
CA VAL B 119 34.15 -15.60 -3.87
C VAL B 119 33.56 -14.20 -3.68
N GLY B 120 32.23 -14.11 -3.64
CA GLY B 120 31.54 -12.84 -3.46
C GLY B 120 31.94 -12.16 -2.18
N PHE B 121 32.06 -12.93 -1.11
CA PHE B 121 32.46 -12.32 0.16
C PHE B 121 33.88 -11.72 0.00
N GLN B 122 34.81 -12.54 -0.47
CA GLN B 122 36.20 -12.08 -0.60
C GLN B 122 36.36 -10.94 -1.61
N GLU B 123 35.72 -11.05 -2.77
CA GLU B 123 35.82 -10.00 -3.77
C GLU B 123 35.09 -8.70 -3.38
N ALA B 124 33.92 -8.77 -2.76
CA ALA B 124 33.21 -7.55 -2.39
C ALA B 124 34.02 -6.73 -1.41
N LEU B 125 34.73 -7.39 -0.52
CA LEU B 125 35.57 -6.69 0.46
C LEU B 125 36.66 -5.84 -0.21
N LYS B 126 37.08 -6.17 -1.43
CA LYS B 126 38.12 -5.37 -2.12
C LYS B 126 37.56 -4.01 -2.62
N ASP B 127 36.23 -3.88 -2.63
CA ASP B 127 35.58 -2.65 -3.07
C ASP B 127 35.33 -1.67 -1.95
N TYR B 128 34.93 -2.19 -0.80
CA TYR B 128 34.49 -1.32 0.27
C TYR B 128 34.50 -2.10 1.56
N ASP B 129 34.52 -1.41 2.69
CA ASP B 129 34.55 -2.10 3.96
C ASP B 129 33.18 -2.54 4.42
N TYR B 130 32.61 -3.51 3.69
CA TYR B 130 31.29 -4.04 4.05
C TYR B 130 31.42 -4.77 5.38
N THR B 131 30.39 -4.68 6.24
CA THR B 131 30.44 -5.44 7.48
C THR B 131 29.27 -6.41 7.60
N CYS B 132 28.49 -6.52 6.54
CA CYS B 132 27.31 -7.40 6.52
C CYS B 132 27.19 -7.98 5.12
N PHE B 133 26.89 -9.27 5.06
CA PHE B 133 26.76 -9.96 3.79
C PHE B 133 25.45 -10.68 3.64
N VAL B 134 24.70 -10.33 2.60
CA VAL B 134 23.45 -10.98 2.36
C VAL B 134 23.71 -11.94 1.21
N PHE B 135 23.40 -13.21 1.40
CA PHE B 135 23.57 -14.19 0.33
C PHE B 135 22.16 -14.52 -0.17
N SER B 136 21.87 -14.16 -1.41
CA SER B 136 20.53 -14.41 -1.97
C SER B 136 20.53 -15.17 -3.27
N ASP B 137 19.71 -16.20 -3.37
CA ASP B 137 19.64 -16.87 -4.64
C ASP B 137 19.02 -15.82 -5.56
N VAL B 138 19.21 -16.00 -6.85
CA VAL B 138 18.75 -15.05 -7.84
C VAL B 138 17.24 -15.05 -8.09
N ASP B 139 16.54 -16.08 -7.64
CA ASP B 139 15.09 -16.15 -7.92
C ASP B 139 14.17 -15.99 -6.73
N LEU B 140 14.67 -15.33 -5.68
CA LEU B 140 13.86 -15.12 -4.51
C LEU B 140 13.64 -13.62 -4.28
N ILE B 141 12.38 -13.23 -4.22
CA ILE B 141 11.97 -11.85 -4.03
C ILE B 141 11.16 -11.70 -2.74
N PRO B 142 11.57 -10.79 -1.84
CA PRO B 142 10.79 -10.64 -0.59
C PRO B 142 9.43 -9.98 -0.86
N MET B 143 8.41 -10.35 -0.10
CA MET B 143 7.09 -9.76 -0.36
C MET B 143 6.73 -8.59 0.54
N ASN B 144 7.49 -8.41 1.62
CA ASN B 144 7.22 -7.35 2.58
C ASN B 144 8.55 -6.67 2.88
N ASP B 145 8.61 -5.36 2.64
CA ASP B 145 9.86 -4.63 2.86
C ASP B 145 10.26 -4.45 4.32
N HIS B 146 9.45 -4.96 5.23
CA HIS B 146 9.82 -4.95 6.63
C HIS B 146 10.79 -6.13 6.87
N ASN B 147 11.06 -6.93 5.82
CA ASN B 147 11.99 -8.07 5.96
C ASN B 147 13.36 -7.46 5.68
N ALA B 148 14.07 -7.15 6.74
CA ALA B 148 15.36 -6.46 6.63
C ALA B 148 16.47 -7.21 5.93
N TYR B 149 17.00 -6.65 4.85
CA TYR B 149 18.13 -7.28 4.16
C TYR B 149 19.46 -6.80 4.73
N ARG B 150 19.65 -7.05 6.03
CA ARG B 150 20.89 -6.70 6.71
C ARG B 150 21.08 -7.65 7.88
N CYS B 151 22.16 -7.42 8.63
CA CYS B 151 22.60 -8.27 9.72
C CYS B 151 22.11 -8.00 11.14
N PHE B 152 22.06 -9.07 11.93
CA PHE B 152 21.63 -9.02 13.31
C PHE B 152 22.68 -9.59 14.25
N SER B 153 22.40 -9.55 15.55
CA SER B 153 23.37 -10.04 16.53
C SER B 153 23.62 -11.54 16.34
N GLN B 154 22.68 -12.26 15.73
CA GLN B 154 22.89 -13.68 15.42
C GLN B 154 22.67 -13.79 13.90
N PRO B 155 23.21 -14.85 13.26
CA PRO B 155 23.03 -15.05 11.82
C PRO B 155 21.54 -14.99 11.47
N ARG B 156 21.21 -14.35 10.36
CA ARG B 156 19.82 -14.13 9.99
C ARG B 156 19.33 -14.93 8.79
N HIS B 157 18.23 -15.66 8.98
CA HIS B 157 17.63 -16.40 7.90
C HIS B 157 16.53 -15.46 7.40
N ILE B 158 16.59 -15.06 6.14
CA ILE B 158 15.64 -14.06 5.63
C ILE B 158 14.45 -14.59 4.88
N SER B 159 14.64 -15.59 4.01
CA SER B 159 13.54 -16.13 3.21
C SER B 159 12.86 -17.25 3.99
N VAL B 160 12.17 -16.87 5.04
CA VAL B 160 11.54 -17.82 5.93
C VAL B 160 10.18 -18.39 5.50
N ALA B 161 9.46 -17.69 4.64
CA ALA B 161 8.15 -18.20 4.23
C ALA B 161 7.97 -18.15 2.72
N MET B 162 8.65 -19.05 2.01
CA MET B 162 8.60 -19.10 0.56
C MET B 162 7.34 -19.76 0.04
N ASP B 163 6.75 -19.17 -1.00
CA ASP B 163 5.54 -19.74 -1.55
C ASP B 163 5.75 -21.20 -1.92
N LYS B 164 6.92 -21.54 -2.45
CA LYS B 164 7.13 -22.92 -2.86
C LYS B 164 7.17 -23.89 -1.72
N PHE B 165 7.25 -23.39 -0.49
CA PHE B 165 7.26 -24.28 0.65
C PHE B 165 5.96 -24.06 1.48
N GLY B 166 4.91 -23.59 0.81
CA GLY B 166 3.63 -23.35 1.48
C GLY B 166 3.63 -22.19 2.46
N PHE B 167 4.46 -21.18 2.18
CA PHE B 167 4.57 -20.01 3.04
C PHE B 167 5.00 -20.31 4.46
N SER B 168 5.89 -21.29 4.61
CA SER B 168 6.46 -21.61 5.92
C SER B 168 7.81 -22.28 5.70
N LEU B 169 8.50 -22.63 6.76
CA LEU B 169 9.79 -23.28 6.61
C LEU B 169 9.61 -24.73 6.20
N PRO B 170 10.43 -25.23 5.25
CA PRO B 170 10.25 -26.64 4.88
C PRO B 170 10.63 -27.58 6.03
N TYR B 171 11.56 -27.16 6.89
CA TYR B 171 11.96 -27.92 8.10
C TYR B 171 12.57 -26.85 8.99
N VAL B 172 12.56 -27.02 10.31
CA VAL B 172 13.05 -25.94 11.17
C VAL B 172 14.51 -25.56 11.12
N GLN B 173 15.38 -26.40 10.56
CA GLN B 173 16.79 -26.01 10.48
C GLN B 173 17.12 -25.51 9.07
N TYR B 174 16.09 -25.33 8.25
CA TYR B 174 16.30 -24.84 6.89
C TYR B 174 16.99 -23.48 6.93
N PHE B 175 18.09 -23.32 6.22
CA PHE B 175 18.79 -22.06 6.22
C PHE B 175 19.06 -21.63 4.79
N GLY B 176 18.34 -22.16 3.81
CA GLY B 176 18.61 -21.80 2.43
C GLY B 176 17.87 -20.58 1.87
N GLY B 177 18.12 -20.28 0.60
CA GLY B 177 17.45 -19.18 -0.08
C GLY B 177 18.10 -17.84 0.10
N VAL B 178 17.72 -17.15 1.17
CA VAL B 178 18.28 -15.83 1.48
C VAL B 178 18.69 -15.75 2.94
N SER B 179 19.91 -15.29 3.18
CA SER B 179 20.41 -15.14 4.55
C SER B 179 21.44 -14.01 4.70
N ALA B 180 21.66 -13.52 5.92
CA ALA B 180 22.65 -12.49 6.14
C ALA B 180 23.55 -12.85 7.30
N LEU B 181 24.86 -12.71 7.10
CA LEU B 181 25.83 -12.96 8.15
C LEU B 181 26.70 -11.72 8.22
N SER B 182 26.96 -11.24 9.43
CA SER B 182 27.87 -10.10 9.63
C SER B 182 29.23 -10.62 9.20
N LYS B 183 30.16 -9.72 8.97
CA LYS B 183 31.50 -10.15 8.59
C LYS B 183 32.09 -11.11 9.63
N GLN B 184 31.95 -10.75 10.91
CA GLN B 184 32.51 -11.57 11.98
C GLN B 184 31.86 -12.97 12.09
N GLN B 185 30.55 -13.05 11.85
CA GLN B 185 29.88 -14.35 11.87
C GLN B 185 30.44 -15.23 10.76
N PHE B 186 30.67 -14.64 9.60
CA PHE B 186 31.18 -15.38 8.44
C PHE B 186 32.59 -15.85 8.74
N LEU B 187 33.43 -14.95 9.25
CA LEU B 187 34.80 -15.33 9.57
C LEU B 187 34.85 -16.43 10.65
N THR B 188 33.98 -16.33 11.64
CA THR B 188 33.98 -17.31 12.72
C THR B 188 33.76 -18.75 12.26
N ILE B 189 32.98 -18.94 11.20
CA ILE B 189 32.75 -20.30 10.71
C ILE B 189 33.68 -20.68 9.56
N ASN B 190 34.73 -19.90 9.35
CA ASN B 190 35.66 -20.15 8.26
C ASN B 190 34.95 -20.11 6.91
N GLY B 191 33.94 -19.23 6.82
CA GLY B 191 33.20 -19.07 5.58
C GLY B 191 32.38 -20.30 5.24
N PHE B 192 32.11 -20.51 3.96
CA PHE B 192 31.31 -21.64 3.54
C PHE B 192 32.14 -22.77 2.93
N PRO B 193 31.58 -23.98 2.89
CA PRO B 193 32.33 -25.10 2.30
C PRO B 193 32.55 -24.90 0.78
N ASN B 194 33.65 -25.45 0.28
CA ASN B 194 34.03 -25.37 -1.15
C ASN B 194 33.78 -26.64 -1.93
N ASN B 195 33.49 -27.73 -1.23
CA ASN B 195 33.29 -28.98 -1.94
C ASN B 195 31.90 -29.53 -2.06
N TYR B 196 30.90 -28.66 -2.09
CA TYR B 196 29.56 -29.18 -2.35
C TYR B 196 29.30 -28.88 -3.83
N TRP B 197 29.40 -29.91 -4.66
CA TRP B 197 29.20 -29.71 -6.09
C TRP B 197 27.84 -30.25 -6.46
N GLY B 198 27.07 -29.48 -7.23
CA GLY B 198 25.73 -29.95 -7.58
C GLY B 198 24.75 -29.46 -6.51
N TRP B 199 23.47 -29.73 -6.72
CA TRP B 199 22.42 -29.25 -5.82
C TRP B 199 22.30 -29.96 -4.45
N GLY B 200 22.00 -29.18 -3.41
CA GLY B 200 21.73 -29.70 -2.07
C GLY B 200 22.79 -29.77 -0.97
N GLY B 201 22.33 -29.56 0.27
CA GLY B 201 23.15 -29.64 1.48
C GLY B 201 24.16 -28.58 1.88
N GLU B 202 24.64 -27.79 0.92
CA GLU B 202 25.62 -26.79 1.26
C GLU B 202 25.03 -25.82 2.25
N ASP B 203 23.70 -25.60 2.16
CA ASP B 203 23.08 -24.64 3.07
C ASP B 203 22.93 -25.26 4.47
N ASP B 204 22.72 -26.58 4.53
CA ASP B 204 22.62 -27.27 5.82
C ASP B 204 24.00 -27.31 6.47
N ASP B 205 25.03 -27.45 5.65
CA ASP B 205 26.41 -27.47 6.16
C ASP B 205 26.71 -26.12 6.83
N ILE B 206 26.18 -25.05 6.25
CA ILE B 206 26.41 -23.69 6.77
C ILE B 206 25.64 -23.55 8.08
N PHE B 207 24.42 -24.02 8.12
CA PHE B 207 23.64 -24.01 9.35
C PHE B 207 24.47 -24.75 10.43
N ASN B 208 24.98 -25.94 10.08
CA ASN B 208 25.76 -26.72 11.04
C ASN B 208 26.95 -25.94 11.55
N ARG B 209 27.65 -25.26 10.64
CA ARG B 209 28.85 -24.49 11.03
C ARG B 209 28.51 -23.43 12.05
N LEU B 210 27.40 -22.74 11.83
CA LEU B 210 26.98 -21.67 12.73
C LEU B 210 26.67 -22.24 14.11
N VAL B 211 26.00 -23.39 14.13
CA VAL B 211 25.65 -23.98 15.40
C VAL B 211 26.88 -24.44 16.14
N PHE B 212 27.81 -25.06 15.42
CA PHE B 212 29.04 -25.52 16.03
C PHE B 212 29.85 -24.40 16.63
N ARG B 213 29.63 -23.18 16.17
CA ARG B 213 30.33 -22.02 16.72
C ARG B 213 29.48 -21.26 17.75
N GLY B 214 28.44 -21.93 18.27
CA GLY B 214 27.64 -21.33 19.32
C GLY B 214 26.59 -20.32 18.95
N MET B 215 26.33 -20.17 17.66
CA MET B 215 25.33 -19.21 17.24
C MET B 215 23.98 -19.85 17.14
N SER B 216 22.99 -19.00 16.95
CA SER B 216 21.63 -19.45 16.83
C SER B 216 21.06 -18.71 15.62
N ILE B 217 19.93 -19.14 15.10
CA ILE B 217 19.36 -18.52 13.91
C ILE B 217 18.26 -17.52 14.23
N SER B 218 18.43 -16.29 13.75
CA SER B 218 17.42 -15.24 13.94
C SER B 218 16.53 -15.14 12.69
N ARG B 219 15.22 -14.98 12.88
CA ARG B 219 14.30 -14.89 11.73
C ARG B 219 13.13 -13.93 11.93
N PRO B 220 12.63 -13.31 10.83
CA PRO B 220 11.47 -12.39 11.00
C PRO B 220 10.28 -13.35 11.15
N ASN B 221 9.08 -12.85 11.42
CA ASN B 221 7.93 -13.75 11.55
C ASN B 221 7.54 -14.19 10.15
N ALA B 222 6.65 -15.17 10.08
CA ALA B 222 6.20 -15.73 8.80
C ALA B 222 5.45 -14.82 7.85
N VAL B 223 4.85 -13.75 8.36
CA VAL B 223 4.13 -12.85 7.49
C VAL B 223 5.13 -11.89 6.87
N VAL B 224 6.02 -11.36 7.70
CA VAL B 224 7.02 -10.46 7.20
C VAL B 224 8.02 -11.20 6.28
N GLY B 225 8.29 -12.49 6.56
CA GLY B 225 9.24 -13.26 5.78
C GLY B 225 8.72 -13.94 4.53
N THR B 226 7.49 -13.63 4.18
CA THR B 226 6.87 -14.19 3.00
C THR B 226 7.72 -13.83 1.78
N THR B 227 8.11 -14.87 1.03
CA THR B 227 8.97 -14.67 -0.11
C THR B 227 8.47 -15.41 -1.35
N ARG B 228 8.63 -14.79 -2.52
CA ARG B 228 8.23 -15.41 -3.77
C ARG B 228 9.43 -15.99 -4.53
N HIS B 229 9.28 -17.21 -5.01
CA HIS B 229 10.28 -17.89 -5.79
C HIS B 229 9.80 -17.85 -7.24
N ILE B 230 10.69 -17.54 -8.17
CA ILE B 230 10.30 -17.53 -9.57
C ILE B 230 10.30 -18.95 -10.10
N ARG B 231 9.11 -19.50 -10.42
CA ARG B 231 9.04 -20.88 -10.93
C ARG B 231 9.98 -21.07 -12.11
N HIS B 232 10.72 -22.17 -12.10
CA HIS B 232 11.66 -22.45 -13.18
C HIS B 232 11.93 -23.95 -13.26
N SER B 233 12.23 -24.44 -14.46
CA SER B 233 12.52 -25.86 -14.61
C SER B 233 13.97 -26.08 -14.12
N ARG B 234 14.39 -27.31 -13.96
CA ARG B 234 15.74 -27.60 -13.45
C ARG B 234 16.83 -27.13 -14.39
N ASP B 235 17.94 -26.67 -13.84
CA ASP B 235 19.04 -26.24 -14.68
C ASP B 235 19.85 -27.48 -14.96
N LYS B 236 20.61 -27.45 -16.04
CA LYS B 236 21.46 -28.58 -16.31
C LYS B 236 22.69 -28.24 -15.44
N LYS B 237 23.49 -29.23 -15.14
CA LYS B 237 24.72 -29.06 -14.37
C LYS B 237 24.62 -28.67 -12.91
N ASN B 238 23.45 -28.87 -12.31
CA ASN B 238 23.27 -28.64 -10.87
C ASN B 238 22.39 -29.79 -10.32
N GLU B 239 22.64 -31.00 -10.80
CA GLU B 239 21.86 -32.17 -10.37
C GLU B 239 22.14 -32.49 -8.89
N PRO B 240 21.14 -33.00 -8.18
CA PRO B 240 21.33 -33.34 -6.76
C PRO B 240 22.64 -34.07 -6.54
N ASN B 241 23.41 -33.56 -5.61
CA ASN B 241 24.69 -34.13 -5.26
C ASN B 241 24.46 -35.38 -4.38
N PRO B 242 24.89 -36.57 -4.85
CA PRO B 242 24.72 -37.83 -4.10
C PRO B 242 25.53 -37.88 -2.82
N GLN B 243 26.59 -37.08 -2.75
CA GLN B 243 27.44 -37.09 -1.56
C GLN B 243 27.01 -36.11 -0.49
N ARG B 244 25.93 -35.37 -0.74
CA ARG B 244 25.51 -34.33 0.18
C ARG B 244 25.19 -34.75 1.60
N PHE B 245 24.47 -35.87 1.75
CA PHE B 245 24.12 -36.34 3.09
C PHE B 245 25.39 -36.74 3.85
N ASP B 246 26.34 -37.39 3.20
CA ASP B 246 27.55 -37.73 3.92
C ASP B 246 28.33 -36.45 4.28
N ARG B 247 28.38 -35.49 3.38
CA ARG B 247 29.13 -34.26 3.70
C ARG B 247 28.55 -33.44 4.84
N ILE B 248 27.22 -33.31 4.92
CA ILE B 248 26.68 -32.51 6.00
C ILE B 248 26.83 -33.24 7.34
N ALA B 249 27.01 -34.57 7.30
CA ALA B 249 27.19 -35.34 8.52
C ALA B 249 28.61 -35.12 9.07
N HIS B 250 29.50 -34.51 8.27
CA HIS B 250 30.87 -34.28 8.72
C HIS B 250 31.29 -32.85 8.84
N THR B 251 30.32 -31.94 8.85
CA THR B 251 30.67 -30.54 8.94
C THR B 251 31.65 -30.15 10.04
N LYS B 252 31.43 -30.64 11.25
CA LYS B 252 32.32 -30.29 12.36
C LYS B 252 33.77 -30.63 12.06
N GLU B 253 33.98 -31.76 11.40
CA GLU B 253 35.33 -32.20 11.09
C GLU B 253 35.98 -31.39 9.98
N THR B 254 35.23 -31.13 8.91
CA THR B 254 35.78 -30.43 7.76
C THR B 254 35.79 -28.91 7.79
N MET B 255 34.84 -28.30 8.49
CA MET B 255 34.76 -26.83 8.48
C MET B 255 36.05 -26.13 8.86
N LEU B 256 36.89 -26.77 9.63
CA LEU B 256 38.11 -26.10 10.04
C LEU B 256 39.13 -25.94 8.93
N SER B 257 39.18 -26.90 8.01
CA SER B 257 40.18 -26.83 6.93
C SER B 257 39.58 -26.65 5.54
N ASP B 258 38.28 -26.50 5.47
CA ASP B 258 37.65 -26.30 4.18
C ASP B 258 36.71 -25.10 4.26
N GLY B 259 37.08 -23.99 3.61
CA GLY B 259 36.24 -22.83 3.62
C GLY B 259 37.02 -21.63 3.15
N LEU B 260 36.84 -20.51 3.81
CA LEU B 260 37.53 -19.31 3.41
C LEU B 260 39.05 -19.54 3.37
N ASN B 261 39.56 -20.32 4.31
CA ASN B 261 40.99 -20.53 4.33
C ASN B 261 41.55 -21.49 3.29
N SER B 262 40.71 -22.17 2.51
CA SER B 262 41.24 -23.08 1.48
C SER B 262 40.66 -22.72 0.11
N LEU B 263 40.06 -21.54 0.05
CA LEU B 263 39.44 -21.05 -1.16
C LEU B 263 40.39 -20.66 -2.31
N THR B 264 40.17 -21.24 -3.47
CA THR B 264 40.97 -20.91 -4.63
C THR B 264 40.04 -20.75 -5.82
N TYR B 265 40.40 -19.80 -6.66
CA TYR B 265 39.62 -19.52 -7.85
C TYR B 265 40.39 -18.55 -8.73
N GLN B 266 39.85 -18.32 -9.91
CA GLN B 266 40.46 -17.39 -10.84
C GLN B 266 39.37 -16.50 -11.45
N VAL B 267 39.47 -15.20 -11.20
CA VAL B 267 38.53 -14.23 -11.73
C VAL B 267 38.87 -14.06 -13.20
N LEU B 268 37.90 -14.22 -14.07
CA LEU B 268 38.13 -14.05 -15.49
C LEU B 268 37.74 -12.62 -15.91
N ASP B 269 36.87 -11.98 -15.14
CA ASP B 269 36.42 -10.65 -15.55
C ASP B 269 35.57 -10.02 -14.44
N VAL B 270 35.60 -8.69 -14.38
CA VAL B 270 34.82 -7.92 -13.43
C VAL B 270 34.14 -6.87 -14.30
N GLN B 271 32.82 -6.84 -14.29
CA GLN B 271 32.10 -5.86 -15.10
C GLN B 271 31.18 -5.04 -14.21
N ARG B 272 31.30 -3.73 -14.30
CA ARG B 272 30.43 -2.87 -13.52
C ARG B 272 29.27 -2.49 -14.44
N TYR B 273 28.06 -2.75 -14.00
CA TYR B 273 26.90 -2.36 -14.77
C TYR B 273 26.14 -1.33 -13.92
N PRO B 274 25.16 -0.65 -14.51
CA PRO B 274 24.48 0.33 -13.67
C PRO B 274 23.87 -0.22 -12.38
N LEU B 275 23.25 -1.38 -12.48
CA LEU B 275 22.57 -1.95 -11.33
C LEU B 275 23.26 -3.07 -10.55
N TYR B 276 24.46 -3.45 -10.96
CA TYR B 276 25.17 -4.51 -10.27
C TYR B 276 26.57 -4.68 -10.80
N THR B 277 27.40 -5.34 -9.99
CA THR B 277 28.75 -5.69 -10.37
C THR B 277 28.72 -7.21 -10.63
N GLN B 278 29.21 -7.62 -11.79
CA GLN B 278 29.27 -9.03 -12.13
C GLN B 278 30.73 -9.50 -12.15
N ILE B 279 31.05 -10.49 -11.31
CA ILE B 279 32.40 -11.03 -11.23
C ILE B 279 32.29 -12.46 -11.77
N THR B 280 32.94 -12.74 -12.90
CA THR B 280 32.91 -14.05 -13.51
C THR B 280 34.17 -14.77 -13.08
N VAL B 281 33.99 -15.97 -12.56
CA VAL B 281 35.12 -16.70 -12.00
C VAL B 281 35.13 -18.17 -12.32
N ASP B 282 36.35 -18.70 -12.45
CA ASP B 282 36.53 -20.11 -12.72
C ASP B 282 36.75 -20.67 -11.31
N ILE B 283 35.80 -21.47 -10.85
CA ILE B 283 35.94 -22.00 -9.50
C ILE B 283 36.39 -23.42 -9.52
N GLY B 284 36.73 -23.93 -10.70
CA GLY B 284 37.23 -25.29 -10.80
C GLY B 284 36.22 -26.40 -10.95
N THR B 285 36.71 -27.63 -10.79
CA THR B 285 35.85 -28.78 -10.92
C THR B 285 36.09 -29.72 -9.75
N PRO B 286 35.17 -30.66 -9.53
CA PRO B 286 35.34 -31.60 -8.43
C PRO B 286 36.55 -32.49 -8.70
N SER B 287 37.15 -32.98 -7.61
CA SER B 287 38.31 -33.84 -7.72
C SER B 287 37.97 -35.27 -8.08
N SER C 15 1.94 -34.08 -1.26
CA SER C 15 1.06 -33.04 -1.84
C SER C 15 1.01 -31.74 -1.01
N LEU C 16 0.36 -30.74 -1.59
CA LEU C 16 0.25 -29.41 -1.01
C LEU C 16 -0.19 -29.32 0.43
N PRO C 17 0.52 -28.51 1.22
CA PRO C 17 0.19 -28.30 2.63
C PRO C 17 -0.97 -27.31 2.68
N ALA C 18 -1.57 -27.17 3.84
CA ALA C 18 -2.67 -26.25 3.99
C ALA C 18 -2.13 -24.83 3.94
N CYS C 19 -2.93 -23.91 3.40
CA CYS C 19 -2.55 -22.50 3.37
C CYS C 19 -2.58 -21.99 4.82
N PRO C 20 -1.85 -20.90 5.12
CA PRO C 20 -1.85 -20.37 6.48
C PRO C 20 -3.28 -19.99 6.84
N GLU C 21 -3.63 -20.15 8.11
CA GLU C 21 -4.98 -19.83 8.56
C GLU C 21 -5.42 -18.49 8.02
N GLU C 22 -4.56 -17.49 8.12
CA GLU C 22 -4.86 -16.16 7.59
C GLU C 22 -3.81 -15.94 6.51
N SER C 23 -4.21 -15.36 5.39
CA SER C 23 -3.28 -15.13 4.31
C SER C 23 -2.14 -14.16 4.64
N PRO C 24 -0.90 -14.46 4.20
CA PRO C 24 0.22 -13.56 4.49
C PRO C 24 0.40 -12.50 3.38
N LEU C 25 -0.43 -12.60 2.35
CA LEU C 25 -0.35 -11.71 1.18
C LEU C 25 -1.18 -10.44 1.25
N LEU C 26 -2.00 -10.31 2.28
CA LEU C 26 -2.88 -9.17 2.41
C LEU C 26 -2.16 -7.81 2.53
N VAL C 27 -2.69 -6.80 1.83
CA VAL C 27 -2.13 -5.47 1.85
C VAL C 27 -3.01 -4.52 2.63
N GLY C 28 -4.21 -4.95 3.02
CA GLY C 28 -5.09 -4.06 3.75
C GLY C 28 -5.80 -3.02 2.86
N PRO C 29 -5.97 -1.75 3.31
CA PRO C 29 -6.64 -0.66 2.58
C PRO C 29 -6.15 -0.38 1.18
N MET C 30 -7.07 -0.26 0.24
CA MET C 30 -6.71 -0.02 -1.17
C MET C 30 -7.38 1.23 -1.73
N LEU C 31 -6.87 1.70 -2.87
CA LEU C 31 -7.43 2.86 -3.55
C LEU C 31 -8.43 2.32 -4.57
N ILE C 32 -9.66 2.79 -4.48
CA ILE C 32 -10.71 2.36 -5.39
C ILE C 32 -11.25 3.52 -6.21
N GLU C 33 -11.18 3.42 -7.53
CA GLU C 33 -11.73 4.49 -8.36
C GLU C 33 -12.65 3.96 -9.45
N PHE C 34 -13.73 4.68 -9.72
CA PHE C 34 -14.69 4.32 -10.77
C PHE C 34 -14.80 5.51 -11.73
N ASN C 35 -13.78 5.75 -12.54
CA ASN C 35 -13.84 6.90 -13.46
C ASN C 35 -12.91 6.68 -14.64
N MET C 36 -12.50 5.44 -14.82
CA MET C 36 -11.61 5.13 -15.91
C MET C 36 -12.21 3.97 -16.66
N PRO C 37 -11.80 3.77 -17.91
CA PRO C 37 -12.32 2.67 -18.70
C PRO C 37 -11.64 1.35 -18.28
N VAL C 38 -12.44 0.28 -18.19
CA VAL C 38 -11.94 -1.02 -17.81
C VAL C 38 -11.97 -1.96 -19.00
N ASP C 39 -10.82 -2.53 -19.33
CA ASP C 39 -10.72 -3.45 -20.44
C ASP C 39 -10.52 -4.90 -19.94
N LEU C 40 -11.61 -5.65 -19.87
CA LEU C 40 -11.57 -7.04 -19.39
C LEU C 40 -10.53 -7.97 -19.99
N GLU C 41 -10.09 -7.71 -21.22
CA GLU C 41 -9.09 -8.59 -21.82
C GLU C 41 -7.76 -8.30 -21.15
N LEU C 42 -7.66 -7.08 -20.65
CA LEU C 42 -6.48 -6.57 -19.98
C LEU C 42 -6.52 -7.08 -18.54
N VAL C 43 -7.70 -7.04 -17.92
CA VAL C 43 -7.81 -7.55 -16.57
C VAL C 43 -7.36 -9.02 -16.53
N ALA C 44 -7.64 -9.78 -17.60
CA ALA C 44 -7.25 -11.20 -17.65
C ALA C 44 -5.74 -11.34 -17.77
N LYS C 45 -5.13 -10.45 -18.55
CA LYS C 45 -3.68 -10.45 -18.72
C LYS C 45 -3.03 -10.11 -17.39
N GLN C 46 -3.71 -9.31 -16.57
CA GLN C 46 -3.17 -8.95 -15.26
C GLN C 46 -3.41 -10.07 -14.23
N ASN C 47 -4.48 -10.83 -14.42
CA ASN C 47 -4.85 -11.92 -13.52
C ASN C 47 -4.69 -13.26 -14.24
N PRO C 48 -3.47 -13.58 -14.71
CA PRO C 48 -3.18 -14.81 -15.44
C PRO C 48 -3.48 -16.14 -14.76
N ASN C 49 -3.58 -16.17 -13.43
CA ASN C 49 -3.88 -17.43 -12.76
C ASN C 49 -5.40 -17.72 -12.69
N VAL C 50 -6.22 -16.74 -13.05
CA VAL C 50 -7.66 -16.98 -13.06
C VAL C 50 -7.95 -17.82 -14.32
N LYS C 51 -8.49 -19.03 -14.09
CA LYS C 51 -8.81 -19.97 -15.18
C LYS C 51 -10.18 -19.72 -15.81
N MET C 52 -10.37 -20.19 -17.04
CA MET C 52 -11.64 -20.02 -17.75
C MET C 52 -12.83 -20.22 -16.82
N GLY C 53 -13.80 -19.31 -16.93
CA GLY C 53 -14.97 -19.37 -16.08
C GLY C 53 -14.77 -18.64 -14.78
N GLY C 54 -13.64 -17.95 -14.64
CA GLY C 54 -13.35 -17.21 -13.42
C GLY C 54 -13.10 -18.11 -12.22
N ARG C 55 -12.22 -19.09 -12.38
CA ARG C 55 -11.91 -20.02 -11.31
C ARG C 55 -10.47 -19.86 -10.87
N TYR C 56 -10.26 -19.91 -9.57
CA TYR C 56 -8.92 -19.79 -9.01
C TYR C 56 -8.72 -20.55 -7.72
N ALA C 57 -7.55 -21.14 -7.57
CA ALA C 57 -7.17 -21.82 -6.34
C ALA C 57 -5.64 -21.68 -6.23
N PRO C 58 -5.12 -21.45 -5.02
CA PRO C 58 -3.68 -21.31 -4.81
C PRO C 58 -2.89 -22.48 -5.36
N ARG C 59 -1.79 -22.15 -6.00
CA ARG C 59 -0.92 -23.15 -6.56
C ARG C 59 -0.02 -23.77 -5.48
N ASP C 60 0.25 -23.04 -4.41
CA ASP C 60 1.19 -23.52 -3.40
C ASP C 60 0.62 -24.15 -2.13
N CYS C 61 -0.68 -24.07 -1.93
CA CYS C 61 -1.24 -24.61 -0.71
C CYS C 61 -2.72 -24.84 -0.87
N VAL C 62 -3.27 -25.68 -0.02
CA VAL C 62 -4.66 -26.02 -0.06
C VAL C 62 -5.44 -25.03 0.78
N SER C 63 -6.42 -24.39 0.17
CA SER C 63 -7.26 -23.45 0.88
C SER C 63 -8.45 -24.22 1.42
N PRO C 64 -8.88 -23.92 2.65
CA PRO C 64 -10.04 -24.61 3.24
C PRO C 64 -11.30 -23.86 2.82
N HIS C 65 -11.13 -22.77 2.07
CA HIS C 65 -12.28 -22.00 1.64
C HIS C 65 -12.62 -22.27 0.18
N LYS C 66 -13.72 -22.99 -0.02
CA LYS C 66 -14.17 -23.32 -1.37
C LYS C 66 -15.38 -22.43 -1.51
N VAL C 67 -15.17 -21.28 -2.14
CA VAL C 67 -16.19 -20.26 -2.24
C VAL C 67 -16.77 -19.97 -3.59
N ALA C 68 -18.09 -19.96 -3.66
CA ALA C 68 -18.74 -19.63 -4.91
C ALA C 68 -19.24 -18.22 -4.71
N ILE C 69 -18.78 -17.27 -5.53
CA ILE C 69 -19.26 -15.91 -5.38
C ILE C 69 -20.36 -15.67 -6.37
N ILE C 70 -21.53 -15.32 -5.84
CA ILE C 70 -22.72 -15.17 -6.65
C ILE C 70 -23.26 -13.77 -6.74
N ILE C 71 -23.34 -13.27 -7.97
CA ILE C 71 -23.80 -11.92 -8.26
C ILE C 71 -25.14 -11.90 -9.02
N PRO C 72 -26.20 -11.29 -8.42
CA PRO C 72 -27.51 -11.21 -9.08
C PRO C 72 -27.27 -10.18 -10.19
N PHE C 73 -27.74 -10.45 -11.39
CA PHE C 73 -27.43 -9.57 -12.50
C PHE C 73 -28.42 -9.40 -13.68
N ARG C 74 -28.41 -8.20 -14.26
CA ARG C 74 -29.16 -7.85 -15.46
C ARG C 74 -28.84 -6.44 -15.89
N ASN C 75 -28.26 -6.33 -17.07
CA ASN C 75 -27.88 -5.06 -17.65
C ASN C 75 -27.03 -4.15 -16.73
N ARG C 76 -26.02 -4.71 -16.09
CA ARG C 76 -25.09 -3.97 -15.23
C ARG C 76 -23.66 -4.33 -15.63
N GLN C 77 -23.43 -4.45 -16.93
CA GLN C 77 -22.13 -4.84 -17.43
C GLN C 77 -20.99 -3.90 -17.10
N GLU C 78 -21.26 -2.60 -17.09
CA GLU C 78 -20.22 -1.61 -16.80
C GLU C 78 -19.78 -1.80 -15.33
N HIS C 79 -20.76 -2.02 -14.45
CA HIS C 79 -20.48 -2.25 -13.05
C HIS C 79 -19.69 -3.52 -12.88
N LEU C 80 -20.12 -4.59 -13.56
CA LEU C 80 -19.42 -5.89 -13.48
C LEU C 80 -17.95 -5.75 -13.89
N LYS C 81 -17.67 -4.86 -14.82
CA LYS C 81 -16.31 -4.68 -15.26
C LYS C 81 -15.44 -4.16 -14.11
N TYR C 82 -15.98 -3.25 -13.30
CA TYR C 82 -15.24 -2.74 -12.16
C TYR C 82 -15.13 -3.82 -11.09
N TRP C 83 -16.25 -4.52 -10.86
CA TRP C 83 -16.29 -5.54 -9.84
C TRP C 83 -15.21 -6.57 -10.05
N LEU C 84 -15.05 -7.02 -11.30
CA LEU C 84 -14.06 -8.01 -11.64
C LEU C 84 -12.62 -7.48 -11.53
N TYR C 85 -12.46 -6.23 -11.95
CA TYR C 85 -11.19 -5.54 -11.91
C TYR C 85 -10.61 -5.49 -10.48
N TYR C 86 -11.50 -5.17 -9.54
CA TYR C 86 -11.15 -5.03 -8.14
C TYR C 86 -11.20 -6.31 -7.32
N LEU C 87 -12.24 -7.12 -7.45
CA LEU C 87 -12.30 -8.33 -6.63
C LEU C 87 -11.33 -9.45 -6.99
N HIS C 88 -10.99 -9.62 -8.26
CA HIS C 88 -10.09 -10.70 -8.59
C HIS C 88 -8.69 -10.62 -7.94
N PRO C 89 -8.13 -9.40 -7.76
CA PRO C 89 -6.82 -9.40 -7.13
C PRO C 89 -6.98 -9.69 -5.65
N VAL C 90 -8.05 -9.18 -5.08
CA VAL C 90 -8.35 -9.37 -3.67
C VAL C 90 -8.62 -10.83 -3.30
N LEU C 91 -9.42 -11.51 -4.11
CA LEU C 91 -9.76 -12.90 -3.82
C LEU C 91 -8.54 -13.82 -3.93
N GLN C 92 -7.65 -13.53 -4.86
CA GLN C 92 -6.45 -14.35 -4.96
C GLN C 92 -5.56 -14.08 -3.76
N ARG C 93 -5.42 -12.81 -3.38
CA ARG C 93 -4.57 -12.50 -2.23
C ARG C 93 -5.13 -13.16 -0.99
N GLN C 94 -6.46 -13.39 -0.96
CA GLN C 94 -7.08 -14.04 0.17
C GLN C 94 -6.90 -15.57 0.13
N GLN C 95 -6.19 -16.05 -0.88
CA GLN C 95 -5.89 -17.48 -1.01
C GLN C 95 -7.12 -18.36 -0.96
N LEU C 96 -8.15 -17.99 -1.69
CA LEU C 96 -9.41 -18.73 -1.74
C LEU C 96 -9.44 -19.66 -2.97
N ASP C 97 -10.19 -20.75 -2.84
CA ASP C 97 -10.39 -21.70 -3.94
C ASP C 97 -11.77 -21.22 -4.35
N TYR C 98 -11.83 -20.31 -5.31
CA TYR C 98 -13.11 -19.72 -5.66
C TYR C 98 -13.55 -19.71 -7.13
N GLY C 99 -14.81 -19.32 -7.35
CA GLY C 99 -15.34 -19.25 -8.70
C GLY C 99 -16.34 -18.13 -8.75
N ILE C 100 -16.41 -17.41 -9.85
CA ILE C 100 -17.33 -16.29 -10.00
C ILE C 100 -18.53 -16.69 -10.89
N TYR C 101 -19.73 -16.40 -10.39
CA TYR C 101 -20.98 -16.68 -11.11
C TYR C 101 -21.91 -15.48 -11.13
N VAL C 102 -22.16 -15.00 -12.34
CA VAL C 102 -23.04 -13.87 -12.59
C VAL C 102 -24.40 -14.46 -13.04
N ILE C 103 -25.42 -14.36 -12.19
CA ILE C 103 -26.71 -14.91 -12.54
C ILE C 103 -27.48 -13.84 -13.27
N ASN C 104 -27.55 -13.98 -14.59
CA ASN C 104 -28.22 -13.00 -15.44
C ASN C 104 -29.70 -13.33 -15.60
N GLN C 105 -30.57 -12.38 -15.27
CA GLN C 105 -32.01 -12.61 -15.41
C GLN C 105 -32.47 -12.55 -16.87
N ALA C 106 -32.98 -13.67 -17.37
CA ALA C 106 -33.45 -13.71 -18.75
C ALA C 106 -34.70 -12.85 -18.87
N GLY C 107 -34.84 -12.17 -20.01
CA GLY C 107 -36.03 -11.35 -20.26
C GLY C 107 -36.12 -9.97 -19.64
N ASP C 108 -37.26 -9.31 -19.82
CA ASP C 108 -37.44 -7.98 -19.30
C ASP C 108 -38.58 -7.73 -18.36
N THR C 109 -38.96 -8.75 -17.62
CA THR C 109 -40.02 -8.58 -16.65
C THR C 109 -39.36 -8.19 -15.32
N ILE C 110 -40.16 -7.94 -14.28
CA ILE C 110 -39.65 -7.50 -13.00
C ILE C 110 -38.52 -8.37 -12.40
N PHE C 111 -37.51 -7.69 -11.85
CA PHE C 111 -36.34 -8.33 -11.25
C PHE C 111 -36.62 -9.11 -9.95
N ASN C 112 -35.93 -10.22 -9.75
CA ASN C 112 -36.13 -10.97 -8.51
C ASN C 112 -34.75 -11.32 -7.95
N ARG C 113 -34.09 -10.33 -7.35
CA ARG C 113 -32.75 -10.50 -6.77
C ARG C 113 -32.51 -11.80 -6.03
N ALA C 114 -33.33 -12.05 -5.02
CA ALA C 114 -33.18 -13.24 -4.20
C ALA C 114 -33.36 -14.54 -4.92
N LYS C 115 -34.14 -14.56 -6.00
CA LYS C 115 -34.36 -15.82 -6.69
C LYS C 115 -33.12 -16.11 -7.51
N LEU C 116 -32.52 -15.07 -8.03
CA LEU C 116 -31.30 -15.21 -8.79
C LEU C 116 -30.21 -15.78 -7.87
N LEU C 117 -30.20 -15.34 -6.62
CA LEU C 117 -29.20 -15.84 -5.69
C LEU C 117 -29.42 -17.34 -5.45
N ASN C 118 -30.68 -17.75 -5.35
CA ASN C 118 -31.01 -19.16 -5.12
C ASN C 118 -30.50 -19.97 -6.33
N VAL C 119 -30.70 -19.45 -7.53
CA VAL C 119 -30.22 -20.18 -8.70
C VAL C 119 -28.70 -20.32 -8.62
N GLY C 120 -28.00 -19.26 -8.19
CA GLY C 120 -26.55 -19.29 -8.10
C GLY C 120 -26.06 -20.43 -7.22
N PHE C 121 -26.70 -20.57 -6.07
CA PHE C 121 -26.33 -21.62 -5.12
C PHE C 121 -26.44 -22.99 -5.76
N GLN C 122 -27.58 -23.23 -6.44
CA GLN C 122 -27.84 -24.53 -7.07
C GLN C 122 -26.94 -24.88 -8.24
N GLU C 123 -26.78 -23.94 -9.17
CA GLU C 123 -25.97 -24.15 -10.34
C GLU C 123 -24.46 -24.21 -10.07
N ALA C 124 -23.98 -23.41 -9.12
CA ALA C 124 -22.57 -23.42 -8.80
C ALA C 124 -22.24 -24.77 -8.18
N LEU C 125 -23.18 -25.33 -7.42
CA LEU C 125 -22.93 -26.63 -6.80
C LEU C 125 -22.80 -27.78 -7.83
N LYS C 126 -23.25 -27.54 -9.06
CA LYS C 126 -23.14 -28.53 -10.10
C LYS C 126 -21.75 -28.48 -10.74
N ASP C 127 -20.99 -27.43 -10.42
CA ASP C 127 -19.63 -27.28 -10.97
C ASP C 127 -18.57 -27.85 -10.04
N TYR C 128 -18.73 -27.62 -8.74
CA TYR C 128 -17.68 -28.02 -7.82
C TYR C 128 -18.26 -28.13 -6.42
N ASP C 129 -17.56 -28.85 -5.55
CA ASP C 129 -18.00 -29.01 -4.16
C ASP C 129 -17.80 -27.77 -3.27
N TYR C 130 -18.36 -26.63 -3.68
CA TYR C 130 -18.25 -25.42 -2.86
C TYR C 130 -18.94 -25.61 -1.50
N THR C 131 -18.34 -25.08 -0.44
CA THR C 131 -18.95 -25.19 0.86
C THR C 131 -19.24 -23.82 1.46
N CYS C 132 -19.06 -22.77 0.66
CA CYS C 132 -19.28 -21.41 1.12
C CYS C 132 -19.76 -20.56 -0.05
N PHE C 133 -20.72 -19.69 0.23
CA PHE C 133 -21.28 -18.87 -0.83
C PHE C 133 -21.29 -17.40 -0.41
N VAL C 134 -20.72 -16.55 -1.24
CA VAL C 134 -20.72 -15.12 -0.96
C VAL C 134 -21.73 -14.54 -1.94
N PHE C 135 -22.74 -13.84 -1.42
CA PHE C 135 -23.72 -13.21 -2.29
C PHE C 135 -23.40 -11.71 -2.37
N SER C 136 -23.06 -11.25 -3.55
CA SER C 136 -22.66 -9.85 -3.73
C SER C 136 -23.34 -9.09 -4.84
N ASP C 137 -23.81 -7.88 -4.52
CA ASP C 137 -24.42 -7.02 -5.52
C ASP C 137 -23.23 -6.70 -6.41
N VAL C 138 -23.52 -6.37 -7.66
CA VAL C 138 -22.49 -6.13 -8.64
C VAL C 138 -21.75 -4.79 -8.50
N ASP C 139 -22.30 -3.90 -7.69
CA ASP C 139 -21.74 -2.57 -7.54
C ASP C 139 -21.13 -2.30 -6.16
N LEU C 140 -20.67 -3.34 -5.47
CA LEU C 140 -20.05 -3.14 -4.18
C LEU C 140 -18.60 -3.61 -4.19
N ILE C 141 -17.69 -2.70 -3.93
CA ILE C 141 -16.25 -3.01 -3.93
C ILE C 141 -15.67 -2.82 -2.52
N PRO C 142 -15.04 -3.88 -1.95
CA PRO C 142 -14.47 -3.69 -0.61
C PRO C 142 -13.17 -2.88 -0.75
N MET C 143 -12.84 -2.06 0.25
CA MET C 143 -11.62 -1.24 0.17
C MET C 143 -10.45 -1.83 0.96
N ASN C 144 -10.74 -2.89 1.70
CA ASN C 144 -9.72 -3.51 2.57
C ASN C 144 -9.75 -5.04 2.46
N ASP C 145 -8.68 -5.60 1.88
CA ASP C 145 -8.62 -7.03 1.70
C ASP C 145 -8.55 -7.86 2.95
N HIS C 146 -8.72 -7.25 4.12
CA HIS C 146 -8.73 -7.96 5.40
C HIS C 146 -10.18 -8.36 5.64
N ASN C 147 -11.07 -7.83 4.81
CA ASN C 147 -12.50 -8.13 4.89
C ASN C 147 -12.64 -9.48 4.14
N ALA C 148 -12.74 -10.58 4.88
CA ALA C 148 -12.78 -11.89 4.25
C ALA C 148 -14.02 -12.23 3.46
N TYR C 149 -13.83 -12.58 2.20
CA TYR C 149 -14.93 -13.02 1.36
C TYR C 149 -15.03 -14.54 1.42
N ARG C 150 -15.27 -15.05 2.63
CA ARG C 150 -15.46 -16.49 2.81
C ARG C 150 -16.36 -16.63 4.01
N CYS C 151 -16.67 -17.87 4.40
CA CYS C 151 -17.59 -18.09 5.51
C CYS C 151 -17.03 -18.23 6.90
N PHE C 152 -17.90 -18.04 7.88
CA PHE C 152 -17.55 -18.10 9.30
C PHE C 152 -18.49 -19.07 10.06
N SER C 153 -18.24 -19.27 11.34
CA SER C 153 -19.09 -20.17 12.12
C SER C 153 -20.55 -19.66 12.20
N GLN C 154 -20.78 -18.39 11.86
CA GLN C 154 -22.11 -17.80 11.85
C GLN C 154 -22.23 -17.05 10.53
N PRO C 155 -23.46 -16.79 10.05
CA PRO C 155 -23.67 -16.07 8.80
C PRO C 155 -22.86 -14.79 8.86
N ARG C 156 -22.28 -14.40 7.73
CA ARG C 156 -21.42 -13.24 7.70
C ARG C 156 -21.90 -12.06 6.87
N HIS C 157 -22.05 -10.90 7.51
CA HIS C 157 -22.42 -9.69 6.76
C HIS C 157 -21.06 -9.04 6.44
N ILE C 158 -20.79 -8.80 5.16
CA ILE C 158 -19.51 -8.28 4.71
C ILE C 158 -19.43 -6.78 4.38
N SER C 159 -20.42 -6.26 3.65
CA SER C 159 -20.45 -4.83 3.29
C SER C 159 -21.07 -4.05 4.47
N VAL C 160 -20.34 -3.99 5.59
CA VAL C 160 -20.84 -3.34 6.79
C VAL C 160 -20.72 -1.82 6.86
N ALA C 161 -19.79 -1.23 6.11
CA ALA C 161 -19.59 0.22 6.15
C ALA C 161 -19.52 0.79 4.75
N MET C 162 -20.67 0.92 4.11
CA MET C 162 -20.74 1.43 2.76
C MET C 162 -20.73 2.95 2.73
N ASP C 163 -19.95 3.53 1.83
CA ASP C 163 -19.93 4.98 1.74
C ASP C 163 -21.38 5.50 1.61
N LYS C 164 -22.11 4.93 0.66
CA LYS C 164 -23.48 5.36 0.43
C LYS C 164 -24.35 5.39 1.68
N PHE C 165 -23.92 4.72 2.75
CA PHE C 165 -24.67 4.72 4.01
C PHE C 165 -23.98 5.51 5.14
N GLY C 166 -23.06 6.38 4.75
CA GLY C 166 -22.36 7.16 5.76
C GLY C 166 -21.32 6.33 6.48
N PHE C 167 -20.75 5.35 5.78
CA PHE C 167 -19.72 4.50 6.34
C PHE C 167 -20.09 3.73 7.59
N SER C 168 -21.36 3.35 7.70
CA SER C 168 -21.82 2.54 8.80
C SER C 168 -23.07 1.76 8.37
N LEU C 169 -23.63 0.94 9.25
CA LEU C 169 -24.81 0.18 8.87
C LEU C 169 -26.01 1.14 8.79
N PRO C 170 -26.88 0.98 7.78
CA PRO C 170 -28.02 1.91 7.76
C PRO C 170 -28.96 1.60 8.91
N TYR C 171 -28.80 0.43 9.50
CA TYR C 171 -29.59 0.00 10.67
C TYR C 171 -28.97 -1.32 11.07
N VAL C 172 -29.02 -1.63 12.36
CA VAL C 172 -28.31 -2.78 12.86
C VAL C 172 -28.68 -4.18 12.37
N GLN C 173 -29.89 -4.35 11.84
CA GLN C 173 -30.31 -5.65 11.35
C GLN C 173 -30.18 -5.75 9.83
N TYR C 174 -29.53 -4.73 9.24
CA TYR C 174 -29.30 -4.71 7.81
C TYR C 174 -28.36 -5.88 7.43
N PHE C 175 -28.73 -6.65 6.41
CA PHE C 175 -27.94 -7.79 5.96
C PHE C 175 -27.80 -7.80 4.45
N GLY C 176 -28.02 -6.67 3.80
CA GLY C 176 -27.87 -6.65 2.35
C GLY C 176 -26.49 -6.29 1.82
N GLY C 177 -26.37 -6.15 0.50
CA GLY C 177 -25.09 -5.80 -0.08
C GLY C 177 -24.19 -6.99 -0.38
N VAL C 178 -23.39 -7.40 0.61
CA VAL C 178 -22.52 -8.52 0.44
C VAL C 178 -22.61 -9.32 1.71
N SER C 179 -22.79 -10.62 1.57
CA SER C 179 -22.88 -11.47 2.75
C SER C 179 -22.33 -12.83 2.37
N ALA C 180 -22.06 -13.68 3.36
CA ALA C 180 -21.57 -15.03 3.06
C ALA C 180 -22.24 -16.04 3.98
N LEU C 181 -22.64 -17.18 3.41
CA LEU C 181 -23.26 -18.23 4.22
C LEU C 181 -22.59 -19.54 3.89
N SER C 182 -22.34 -20.37 4.89
CA SER C 182 -21.75 -21.68 4.62
C SER C 182 -22.84 -22.46 3.92
N LYS C 183 -22.50 -23.61 3.36
CA LYS C 183 -23.49 -24.41 2.67
C LYS C 183 -24.55 -24.84 3.69
N GLN C 184 -24.13 -25.22 4.88
CA GLN C 184 -25.07 -25.64 5.89
C GLN C 184 -25.99 -24.51 6.38
N GLN C 185 -25.45 -23.29 6.48
CA GLN C 185 -26.26 -22.16 6.93
C GLN C 185 -27.34 -21.89 5.91
N PHE C 186 -26.97 -21.98 4.65
CA PHE C 186 -27.92 -21.74 3.57
C PHE C 186 -29.04 -22.81 3.59
N LEU C 187 -28.63 -24.06 3.68
CA LEU C 187 -29.56 -25.18 3.71
C LEU C 187 -30.46 -25.12 4.94
N THR C 188 -29.89 -24.78 6.10
CA THR C 188 -30.68 -24.73 7.31
C THR C 188 -31.91 -23.81 7.24
N ILE C 189 -31.81 -22.73 6.46
CA ILE C 189 -32.91 -21.79 6.34
C ILE C 189 -33.72 -21.93 5.06
N ASN C 190 -33.63 -23.10 4.43
CA ASN C 190 -34.34 -23.37 3.18
C ASN C 190 -34.03 -22.30 2.15
N GLY C 191 -32.77 -21.87 2.11
CA GLY C 191 -32.37 -20.85 1.16
C GLY C 191 -33.06 -19.51 1.34
N PHE C 192 -33.15 -18.78 0.24
CA PHE C 192 -33.76 -17.47 0.21
C PHE C 192 -35.19 -17.56 -0.35
N PRO C 193 -36.01 -16.53 -0.15
CA PRO C 193 -37.39 -16.51 -0.64
C PRO C 193 -37.43 -16.22 -2.12
N ASN C 194 -38.40 -16.81 -2.80
CA ASN C 194 -38.53 -16.62 -4.25
C ASN C 194 -39.58 -15.59 -4.63
N ASN C 195 -40.41 -15.22 -3.66
CA ASN C 195 -41.50 -14.26 -3.92
C ASN C 195 -41.29 -12.78 -3.69
N TYR C 196 -40.04 -12.32 -3.69
CA TYR C 196 -39.82 -10.89 -3.52
C TYR C 196 -39.49 -10.33 -4.88
N TRP C 197 -40.49 -9.73 -5.52
CA TRP C 197 -40.33 -9.16 -6.85
C TRP C 197 -40.19 -7.65 -6.77
N GLY C 198 -39.17 -7.12 -7.41
CA GLY C 198 -38.90 -5.69 -7.37
C GLY C 198 -38.06 -5.40 -6.12
N TRP C 199 -37.46 -4.22 -6.09
CA TRP C 199 -36.60 -3.78 -4.99
C TRP C 199 -37.18 -3.82 -3.57
N GLY C 200 -36.33 -4.20 -2.60
CA GLY C 200 -36.72 -4.20 -1.20
C GLY C 200 -37.13 -5.43 -0.42
N GLY C 201 -36.76 -5.41 0.86
CA GLY C 201 -37.10 -6.46 1.82
C GLY C 201 -36.65 -7.90 1.75
N GLU C 202 -36.12 -8.38 0.62
CA GLU C 202 -35.70 -9.79 0.58
C GLU C 202 -34.51 -10.05 1.49
N ASP C 203 -33.61 -9.07 1.62
CA ASP C 203 -32.44 -9.22 2.49
C ASP C 203 -32.89 -9.23 3.93
N ASP C 204 -33.94 -8.47 4.23
CA ASP C 204 -34.48 -8.43 5.57
C ASP C 204 -35.14 -9.79 5.88
N ASP C 205 -35.79 -10.35 4.87
CA ASP C 205 -36.44 -11.65 5.04
C ASP C 205 -35.37 -12.69 5.38
N ILE C 206 -34.25 -12.65 4.65
CA ILE C 206 -33.12 -13.56 4.88
C ILE C 206 -32.58 -13.40 6.29
N PHE C 207 -32.46 -12.16 6.75
CA PHE C 207 -32.01 -11.94 8.11
C PHE C 207 -32.99 -12.63 9.09
N ASN C 208 -34.29 -12.44 8.90
CA ASN C 208 -35.27 -13.09 9.77
C ASN C 208 -35.12 -14.61 9.79
N ARG C 209 -34.92 -15.20 8.62
CA ARG C 209 -34.75 -16.65 8.55
C ARG C 209 -33.59 -17.08 9.42
N LEU C 210 -32.48 -16.35 9.31
CA LEU C 210 -31.29 -16.69 10.07
C LEU C 210 -31.57 -16.58 11.56
N VAL C 211 -32.16 -15.47 11.99
CA VAL C 211 -32.46 -15.32 13.40
C VAL C 211 -33.43 -16.41 13.84
N PHE C 212 -34.49 -16.60 13.05
CA PHE C 212 -35.49 -17.62 13.37
C PHE C 212 -34.89 -19.02 13.44
N ARG C 213 -33.69 -19.21 12.87
CA ARG C 213 -33.06 -20.53 12.94
C ARG C 213 -31.95 -20.61 13.97
N GLY C 214 -31.92 -19.66 14.89
CA GLY C 214 -30.92 -19.73 15.93
C GLY C 214 -29.55 -19.12 15.65
N MET C 215 -29.38 -18.49 14.51
CA MET C 215 -28.10 -17.88 14.18
C MET C 215 -28.07 -16.37 14.48
N SER C 216 -26.88 -15.79 14.45
CA SER C 216 -26.72 -14.35 14.66
C SER C 216 -25.68 -13.91 13.64
N ILE C 217 -25.68 -12.63 13.30
CA ILE C 217 -24.79 -12.07 12.28
C ILE C 217 -23.36 -11.74 12.68
N SER C 218 -22.39 -12.33 11.98
CA SER C 218 -20.97 -12.05 12.23
C SER C 218 -20.58 -10.91 11.30
N ARG C 219 -19.75 -10.00 11.78
CA ARG C 219 -19.33 -8.87 10.96
C ARG C 219 -17.92 -8.43 11.24
N PRO C 220 -17.21 -7.93 10.22
CA PRO C 220 -15.84 -7.48 10.50
C PRO C 220 -16.06 -6.08 11.12
N ASN C 221 -14.99 -5.37 11.49
CA ASN C 221 -15.23 -4.05 12.05
C ASN C 221 -15.46 -3.04 10.92
N ALA C 222 -16.03 -1.90 11.29
CA ALA C 222 -16.34 -0.85 10.36
C ALA C 222 -15.16 -0.41 9.49
N VAL C 223 -13.95 -0.35 10.03
CA VAL C 223 -12.84 0.08 9.18
C VAL C 223 -12.49 -0.97 8.15
N VAL C 224 -12.40 -2.21 8.61
CA VAL C 224 -12.09 -3.29 7.69
C VAL C 224 -13.24 -3.53 6.71
N GLY C 225 -14.47 -3.32 7.18
CA GLY C 225 -15.63 -3.54 6.33
C GLY C 225 -16.06 -2.36 5.49
N THR C 226 -15.15 -1.43 5.25
CA THR C 226 -15.47 -0.27 4.44
C THR C 226 -15.67 -0.70 3.00
N THR C 227 -16.77 -0.27 2.40
CA THR C 227 -17.11 -0.66 1.02
C THR C 227 -17.57 0.47 0.10
N ARG C 228 -17.11 0.46 -1.14
CA ARG C 228 -17.52 1.50 -2.07
C ARG C 228 -18.66 1.00 -3.00
N HIS C 229 -19.72 1.79 -3.09
CA HIS C 229 -20.88 1.50 -3.93
C HIS C 229 -20.83 2.34 -5.20
N ILE C 230 -20.83 1.71 -6.36
CA ILE C 230 -20.81 2.48 -7.60
C ILE C 230 -22.12 3.27 -7.72
N ARG C 231 -22.00 4.60 -7.70
CA ARG C 231 -23.15 5.51 -7.79
C ARG C 231 -23.93 5.22 -9.05
N HIS C 232 -25.24 5.04 -8.94
CA HIS C 232 -26.06 4.77 -10.14
C HIS C 232 -27.53 5.11 -9.97
N SER C 233 -28.22 5.32 -11.08
CA SER C 233 -29.64 5.65 -11.04
C SER C 233 -30.51 4.40 -11.12
N ARG C 234 -31.81 4.59 -10.92
CA ARG C 234 -32.78 3.49 -10.94
C ARG C 234 -32.74 2.61 -12.19
N ASP C 235 -32.95 1.31 -11.99
CA ASP C 235 -33.01 0.36 -13.09
C ASP C 235 -34.49 0.27 -13.35
N LYS C 236 -34.90 0.23 -14.61
CA LYS C 236 -36.33 0.10 -14.84
C LYS C 236 -36.63 -1.36 -14.53
N LYS C 237 -37.88 -1.65 -14.21
CA LYS C 237 -38.32 -3.02 -13.91
C LYS C 237 -37.89 -3.58 -12.56
N ASN C 238 -37.61 -2.71 -11.60
CA ASN C 238 -37.22 -3.14 -10.27
C ASN C 238 -37.71 -2.12 -9.26
N GLU C 239 -38.96 -1.70 -9.44
CA GLU C 239 -39.57 -0.72 -8.56
C GLU C 239 -39.78 -1.31 -7.16
N PRO C 240 -39.83 -0.45 -6.13
CA PRO C 240 -40.03 -0.94 -4.77
C PRO C 240 -41.32 -1.75 -4.70
N ASN C 241 -41.22 -2.92 -4.07
CA ASN C 241 -42.34 -3.82 -3.94
C ASN C 241 -43.21 -3.41 -2.75
N PRO C 242 -44.40 -2.86 -3.04
CA PRO C 242 -45.35 -2.41 -2.01
C PRO C 242 -45.69 -3.46 -0.95
N GLN C 243 -45.65 -4.73 -1.31
CA GLN C 243 -46.00 -5.75 -0.35
C GLN C 243 -44.82 -6.35 0.43
N ARG C 244 -43.68 -5.69 0.38
CA ARG C 244 -42.50 -6.21 1.08
C ARG C 244 -42.63 -6.16 2.60
N PHE C 245 -43.20 -5.08 3.11
CA PHE C 245 -43.34 -4.96 4.56
C PHE C 245 -44.22 -6.05 5.12
N ASP C 246 -45.26 -6.40 4.38
CA ASP C 246 -46.14 -7.46 4.85
C ASP C 246 -45.41 -8.77 4.76
N ARG C 247 -44.61 -8.91 3.69
CA ARG C 247 -43.86 -10.14 3.49
C ARG C 247 -42.84 -10.45 4.58
N ILE C 248 -42.07 -9.46 5.03
CA ILE C 248 -41.07 -9.73 6.05
C ILE C 248 -41.68 -10.06 7.42
N ALA C 249 -42.94 -9.67 7.61
CA ALA C 249 -43.63 -9.93 8.87
C ALA C 249 -44.03 -11.41 8.99
N HIS C 250 -44.10 -12.11 7.86
CA HIS C 250 -44.49 -13.51 7.86
C HIS C 250 -43.38 -14.50 7.56
N THR C 251 -42.16 -13.98 7.43
CA THR C 251 -41.00 -14.82 7.14
C THR C 251 -40.97 -16.14 7.91
N LYS C 252 -41.23 -16.11 9.22
CA LYS C 252 -41.20 -17.34 10.01
C LYS C 252 -42.13 -18.46 9.52
N GLU C 253 -43.25 -18.09 8.91
CA GLU C 253 -44.20 -19.09 8.41
C GLU C 253 -43.85 -19.51 6.99
N THR C 254 -43.76 -18.52 6.11
CA THR C 254 -43.46 -18.76 4.72
C THR C 254 -42.12 -19.45 4.40
N MET C 255 -41.11 -19.27 5.25
CA MET C 255 -39.80 -19.86 4.96
C MET C 255 -39.79 -21.39 4.94
N LEU C 256 -40.74 -22.00 5.63
CA LEU C 256 -40.80 -23.45 5.66
C LEU C 256 -41.20 -23.99 4.30
N SER C 257 -42.10 -23.27 3.63
CA SER C 257 -42.63 -23.70 2.35
C SER C 257 -42.15 -22.90 1.14
N ASP C 258 -41.30 -21.91 1.37
CA ASP C 258 -40.82 -21.11 0.26
C ASP C 258 -39.30 -20.89 0.27
N GLY C 259 -38.64 -21.33 -0.79
CA GLY C 259 -37.21 -21.18 -0.86
C GLY C 259 -36.58 -22.23 -1.75
N LEU C 260 -35.52 -22.85 -1.26
CA LEU C 260 -34.79 -23.85 -2.01
C LEU C 260 -35.69 -25.03 -2.36
N ASN C 261 -36.60 -25.36 -1.46
CA ASN C 261 -37.51 -26.45 -1.69
C ASN C 261 -38.74 -26.10 -2.52
N SER C 262 -38.75 -24.97 -3.19
CA SER C 262 -39.90 -24.59 -4.01
C SER C 262 -39.35 -23.83 -5.20
N LEU C 263 -38.03 -23.90 -5.32
CA LEU C 263 -37.34 -23.21 -6.40
C LEU C 263 -37.53 -23.81 -7.78
N THR C 264 -37.91 -22.96 -8.74
CA THR C 264 -38.09 -23.37 -10.12
C THR C 264 -37.53 -22.30 -11.07
N TYR C 265 -36.90 -22.73 -12.15
CA TYR C 265 -36.31 -21.80 -13.11
C TYR C 265 -35.74 -22.59 -14.27
N GLN C 266 -35.33 -21.91 -15.33
CA GLN C 266 -34.75 -22.66 -16.42
C GLN C 266 -33.49 -21.98 -16.96
N VAL C 267 -32.38 -22.69 -16.89
CA VAL C 267 -31.14 -22.13 -17.40
C VAL C 267 -31.25 -22.14 -18.93
N LEU C 268 -30.93 -21.02 -19.56
CA LEU C 268 -31.00 -20.99 -21.00
C LEU C 268 -29.60 -21.07 -21.58
N ASP C 269 -28.61 -20.56 -20.86
CA ASP C 269 -27.24 -20.62 -21.35
C ASP C 269 -26.17 -20.29 -20.32
N VAL C 270 -25.08 -21.04 -20.37
CA VAL C 270 -23.97 -20.87 -19.45
C VAL C 270 -22.74 -20.45 -20.23
N GLN C 271 -22.27 -19.23 -20.01
CA GLN C 271 -21.09 -18.72 -20.70
C GLN C 271 -19.85 -18.83 -19.83
N ARG C 272 -18.83 -19.52 -20.31
CA ARG C 272 -17.59 -19.60 -19.54
C ARG C 272 -16.65 -18.48 -20.04
N TYR C 273 -16.79 -17.28 -19.49
CA TYR C 273 -15.88 -16.21 -19.91
C TYR C 273 -14.54 -16.36 -19.13
N PRO C 274 -13.48 -15.68 -19.59
CA PRO C 274 -12.21 -15.81 -18.86
C PRO C 274 -12.30 -15.49 -17.39
N LEU C 275 -12.97 -14.39 -17.07
CA LEU C 275 -13.08 -13.93 -15.70
C LEU C 275 -14.30 -14.29 -14.89
N TYR C 276 -15.27 -14.97 -15.52
CA TYR C 276 -16.49 -15.32 -14.80
C TYR C 276 -17.42 -16.24 -15.59
N THR C 277 -18.25 -16.97 -14.86
CA THR C 277 -19.24 -17.82 -15.50
C THR C 277 -20.56 -17.06 -15.43
N GLN C 278 -21.19 -16.85 -16.58
CA GLN C 278 -22.49 -16.18 -16.59
C GLN C 278 -23.62 -17.19 -16.89
N ILE C 279 -24.50 -17.40 -15.92
CA ILE C 279 -25.66 -18.29 -16.07
C ILE C 279 -26.92 -17.43 -16.34
N THR C 280 -27.37 -17.40 -17.60
CA THR C 280 -28.57 -16.67 -17.97
C THR C 280 -29.75 -17.62 -17.71
N VAL C 281 -30.68 -17.19 -16.87
CA VAL C 281 -31.79 -18.02 -16.45
C VAL C 281 -33.16 -17.37 -16.46
N ASP C 282 -34.18 -18.22 -16.65
CA ASP C 282 -35.60 -17.83 -16.69
C ASP C 282 -36.12 -18.15 -15.31
N ILE C 283 -36.37 -17.11 -14.52
CA ILE C 283 -36.85 -17.32 -13.16
C ILE C 283 -38.33 -17.03 -13.03
N GLY C 284 -38.95 -16.75 -14.17
CA GLY C 284 -40.38 -16.53 -14.20
C GLY C 284 -40.91 -15.12 -14.01
N THR C 285 -42.16 -15.08 -13.57
CA THR C 285 -42.85 -13.83 -13.32
C THR C 285 -43.70 -14.05 -12.10
N PRO C 286 -44.18 -12.95 -11.50
CA PRO C 286 -45.01 -13.08 -10.31
C PRO C 286 -46.39 -13.64 -10.59
N SER C 287 -46.88 -14.43 -9.64
CA SER C 287 -48.21 -15.00 -9.77
C SER C 287 -49.22 -13.84 -9.72
#